data_2PGZ
#
_entry.id   2PGZ
#
_cell.length_a   86.822
_cell.length_b   115.589
_cell.length_c   130.879
_cell.angle_alpha   90.00
_cell.angle_beta   90.00
_cell.angle_gamma   90.00
#
_symmetry.space_group_name_H-M   'P 21 21 21'
#
loop_
_entity.id
_entity.type
_entity.pdbx_description
1 polymer 'Soluble acetylcholine receptor'
2 branched alpha-D-mannopyranose-(1-3)-[alpha-D-mannopyranose-(1-6)]beta-D-mannopyranose-(1-4)-2-acetamido-2-deoxy-beta-D-glucopyranose-(1-4)-2-acetamido-2-deoxy-beta-D-glucopyranose
3 non-polymer COCAINE
4 non-polymer 2-acetamido-2-deoxy-beta-D-glucopyranose
5 non-polymer 'TETRAETHYLENE GLYCOL'
6 water water
#
_entity_poly.entity_id   1
_entity_poly.type   'polypeptide(L)'
_entity_poly.pdbx_seq_one_letter_code
;DYKDDDDKLHSQANLMRLKSDLFNRSPMYPGPTKDDPLTVTLGFTLQDIVKADSSTNEVDLVYYEQQRWKLNSLMWDPNE
YGNITDFRTSAADIWTPDITAYSSTRPVQVLSPQIAVVTHDGSVMFIPAQRLSFMCDPTGVDSEEGATCAVKFGSWVYSG
FEIDLKTDTDQVDLSSYYASSKYEILSATQTRQVQHYSCCPEPYIDVNLVVKFRERRAGNGFFRNLFDSR
;
_entity_poly.pdbx_strand_id   A,B,C,D,E
#
loop_
_chem_comp.id
_chem_comp.type
_chem_comp.name
_chem_comp.formula
BMA D-saccharide, beta linking beta-D-mannopyranose 'C6 H12 O6'
COC non-polymer COCAINE 'C17 H21 N O4'
MAN D-saccharide, alpha linking alpha-D-mannopyranose 'C6 H12 O6'
NAG D-saccharide, beta linking 2-acetamido-2-deoxy-beta-D-glucopyranose 'C8 H15 N O6'
PG4 non-polymer 'TETRAETHYLENE GLYCOL' 'C8 H18 O5'
#
# COMPACT_ATOMS: atom_id res chain seq x y z
N ASP A 4 -34.06 -3.96 30.00
CA ASP A 4 -32.75 -4.64 29.73
C ASP A 4 -32.18 -4.26 28.37
N ASP A 5 -33.02 -4.23 27.35
CA ASP A 5 -32.63 -3.68 26.04
C ASP A 5 -32.51 -2.16 26.15
N ASP A 6 -33.31 -1.58 27.05
CA ASP A 6 -33.22 -0.18 27.43
C ASP A 6 -31.84 0.08 28.03
N ASP A 7 -31.41 -0.81 28.93
CA ASP A 7 -30.10 -0.73 29.55
C ASP A 7 -28.98 -0.79 28.51
N LYS A 8 -29.12 -1.68 27.53
CA LYS A 8 -28.12 -1.84 26.46
C LYS A 8 -28.03 -0.60 25.56
N LEU A 9 -29.18 0.02 25.28
CA LEU A 9 -29.21 1.27 24.50
C LEU A 9 -28.54 2.41 25.27
N HIS A 10 -28.77 2.46 26.58
CA HIS A 10 -28.11 3.43 27.46
C HIS A 10 -26.60 3.25 27.51
N SER A 11 -26.16 1.99 27.55
CA SER A 11 -24.72 1.70 27.56
C SER A 11 -24.04 2.18 26.27
N GLN A 12 -24.68 1.98 25.12
CA GLN A 12 -24.13 2.48 23.85
C GLN A 12 -24.07 4.00 23.86
N ALA A 13 -25.16 4.63 24.28
CA ALA A 13 -25.22 6.08 24.40
C ALA A 13 -24.13 6.62 25.31
N ASN A 14 -23.94 5.97 26.45
CA ASN A 14 -22.92 6.40 27.40
C ASN A 14 -21.51 6.29 26.82
N LEU A 15 -21.27 5.22 26.07
CA LEU A 15 -19.93 5.02 25.48
C LEU A 15 -19.68 6.03 24.37
N MET A 16 -20.67 6.23 23.50
CA MET A 16 -20.56 7.22 22.44
C MET A 16 -20.31 8.60 23.01
N ARG A 17 -20.97 8.91 24.13
CA ARG A 17 -20.81 10.22 24.77
C ARG A 17 -19.42 10.35 25.40
N LEU A 18 -18.97 9.30 26.07
CA LEU A 18 -17.62 9.29 26.65
C LEU A 18 -16.54 9.52 25.59
N LYS A 19 -16.64 8.79 24.49
CA LYS A 19 -15.66 8.91 23.41
C LYS A 19 -15.69 10.29 22.77
N SER A 20 -16.89 10.85 22.59
CA SER A 20 -17.05 12.21 22.07
C SER A 20 -16.42 13.25 23.01
N ASP A 21 -16.64 13.07 24.31
CA ASP A 21 -16.07 13.95 25.33
C ASP A 21 -14.54 13.91 25.36
N LEU A 22 -13.97 12.71 25.28
CA LEU A 22 -12.53 12.53 25.31
C LEU A 22 -11.84 12.95 24.01
N PHE A 23 -12.47 12.68 22.87
CA PHE A 23 -11.85 12.87 21.55
C PHE A 23 -12.27 14.14 20.84
N ASN A 24 -13.55 14.48 20.94
CA ASN A 24 -14.14 15.54 20.11
C ASN A 24 -14.27 16.90 20.80
N ARG A 25 -14.41 16.89 22.12
CA ARG A 25 -14.59 18.13 22.85
C ARG A 25 -13.42 18.46 23.80
N SER A 26 -12.39 17.64 23.77
CA SER A 26 -11.20 17.84 24.60
C SER A 26 -10.01 18.33 23.78
N TYR A 29 -3.99 16.58 23.83
CA TYR A 29 -2.66 16.01 24.07
C TYR A 29 -1.74 16.06 22.84
N PRO A 30 -0.66 16.85 22.93
CA PRO A 30 0.28 17.04 21.81
C PRO A 30 1.53 16.13 21.89
N GLY A 31 1.43 15.05 22.65
CA GLY A 31 2.58 14.21 22.91
C GLY A 31 3.36 14.69 24.12
N PRO A 32 4.33 13.88 24.58
CA PRO A 32 5.10 14.25 25.76
C PRO A 32 6.09 15.37 25.50
N THR A 33 6.48 16.06 26.57
CA THR A 33 7.43 17.16 26.51
C THR A 33 8.34 17.07 27.74
N LYS A 34 9.35 17.92 27.81
CA LYS A 34 10.22 17.96 28.99
C LYS A 34 9.46 18.33 30.27
N ASP A 35 8.45 19.19 30.13
CA ASP A 35 7.60 19.60 31.24
C ASP A 35 6.56 18.53 31.61
N ASP A 36 6.22 17.69 30.64
CA ASP A 36 5.20 16.67 30.83
C ASP A 36 5.69 15.35 30.20
N PRO A 37 6.75 14.75 30.76
CA PRO A 37 7.32 13.52 30.17
C PRO A 37 6.44 12.32 30.44
N LEU A 38 6.63 11.29 29.64
CA LEU A 38 5.83 10.07 29.72
C LEU A 38 6.71 8.84 29.87
N THR A 39 6.28 7.90 30.72
CA THR A 39 6.94 6.60 30.84
C THR A 39 6.11 5.54 30.13
N VAL A 40 6.73 4.88 29.15
CA VAL A 40 6.08 3.78 28.45
C VAL A 40 6.68 2.46 28.93
N THR A 41 5.82 1.55 29.37
CA THR A 41 6.27 0.22 29.77
C THR A 41 6.19 -0.71 28.56
N LEU A 42 7.28 -1.44 28.30
CA LEU A 42 7.31 -2.35 27.16
C LEU A 42 7.59 -3.76 27.62
N GLY A 43 7.01 -4.73 26.91
CA GLY A 43 7.27 -6.13 27.18
C GLY A 43 7.09 -6.92 25.91
N PHE A 44 8.00 -7.85 25.65
CA PHE A 44 7.91 -8.66 24.45
C PHE A 44 7.48 -10.07 24.73
N THR A 45 6.63 -10.60 23.85
CA THR A 45 6.25 -12.01 23.86
C THR A 45 6.75 -12.57 22.54
N LEU A 46 7.82 -13.38 22.58
CA LEU A 46 8.42 -13.84 21.33
C LEU A 46 7.71 -15.10 20.86
N GLN A 47 7.12 -15.03 19.66
CA GLN A 47 6.35 -16.15 19.13
C GLN A 47 7.12 -17.09 18.21
N ASP A 48 8.03 -16.54 17.40
CA ASP A 48 8.75 -17.36 16.43
C ASP A 48 9.98 -16.64 15.88
N ILE A 49 11.07 -17.39 15.70
CA ILE A 49 12.15 -16.98 14.80
C ILE A 49 11.81 -17.70 13.51
N VAL A 50 11.38 -16.93 12.51
CA VAL A 50 10.85 -17.53 11.30
C VAL A 50 11.97 -17.95 10.37
N LYS A 51 12.95 -17.06 10.22
CA LYS A 51 13.96 -17.19 9.17
C LYS A 51 15.27 -16.58 9.67
N ALA A 52 16.38 -17.24 9.37
CA ALA A 52 17.71 -16.66 9.60
C ALA A 52 18.46 -16.75 8.29
N ASP A 53 18.79 -15.59 7.71
CA ASP A 53 19.37 -15.52 6.37
C ASP A 53 20.86 -15.20 6.46
N SER A 54 21.70 -16.21 6.30
CA SER A 54 23.15 -16.02 6.40
C SER A 54 23.77 -15.37 5.15
N SER A 55 22.98 -15.21 4.09
CA SER A 55 23.45 -14.53 2.89
C SER A 55 23.43 -13.00 3.05
N THR A 56 22.54 -12.50 3.91
CA THR A 56 22.41 -11.05 4.11
C THR A 56 22.57 -10.65 5.57
N ASN A 57 22.70 -11.64 6.45
CA ASN A 57 22.70 -11.40 7.90
C ASN A 57 21.49 -10.57 8.35
N GLU A 58 20.34 -11.14 8.01
CA GLU A 58 19.04 -10.67 8.49
C GLU A 58 18.30 -11.85 9.13
N VAL A 59 17.65 -11.58 10.27
CA VAL A 59 16.81 -12.61 10.91
C VAL A 59 15.42 -12.03 11.07
N ASP A 60 14.39 -12.88 10.95
CA ASP A 60 12.98 -12.44 10.99
C ASP A 60 12.31 -13.00 12.23
N LEU A 61 11.75 -12.11 13.03
CA LEU A 61 11.05 -12.47 14.28
C LEU A 61 9.57 -12.17 14.16
N VAL A 62 8.76 -12.92 14.90
CA VAL A 62 7.34 -12.60 15.11
C VAL A 62 7.12 -12.53 16.60
N TYR A 63 6.56 -11.43 17.07
CA TYR A 63 6.41 -11.19 18.50
C TYR A 63 5.21 -10.28 18.71
N TYR A 64 4.72 -10.24 19.94
CA TYR A 64 3.71 -9.26 20.37
C TYR A 64 4.47 -8.25 21.25
N GLU A 65 4.30 -6.96 20.99
CA GLU A 65 4.96 -5.93 21.79
C GLU A 65 3.91 -5.24 22.64
N GLN A 66 3.88 -5.54 23.94
CA GLN A 66 2.95 -4.86 24.84
C GLN A 66 3.45 -3.47 25.23
N GLN A 67 2.62 -2.46 24.98
CA GLN A 67 2.92 -1.07 25.35
C GLN A 67 1.84 -0.56 26.29
N ARG A 68 2.29 0.08 27.37
CA ARG A 68 1.39 0.67 28.36
CA ARG A 68 1.40 0.65 28.40
C ARG A 68 1.88 2.06 28.77
N TRP A 69 0.95 3.01 28.83
CA TRP A 69 1.25 4.37 29.33
C TRP A 69 -0.01 4.94 29.94
N LYS A 70 0.07 6.14 30.49
CA LYS A 70 -1.08 6.72 31.17
C LYS A 70 -1.11 8.22 30.94
N LEU A 71 -2.29 8.74 30.57
CA LEU A 71 -2.45 10.17 30.37
C LEU A 71 -3.56 10.71 31.24
N ASN A 72 -3.32 11.87 31.85
CA ASN A 72 -4.38 12.56 32.58
C ASN A 72 -5.52 12.92 31.66
N SER A 73 -5.21 13.23 30.40
CA SER A 73 -6.24 13.65 29.45
C SER A 73 -7.23 12.54 29.09
N LEU A 74 -6.89 11.30 29.42
CA LEU A 74 -7.78 10.17 29.11
C LEU A 74 -8.55 9.65 30.31
N MET A 75 -8.56 10.43 31.40
CA MET A 75 -9.24 10.01 32.62
C MET A 75 -10.71 10.38 32.57
N TRP A 76 -11.56 9.52 33.13
CA TRP A 76 -12.95 9.88 33.42
C TRP A 76 -13.44 9.25 34.71
N ASP A 77 -14.52 9.80 35.25
CA ASP A 77 -15.25 9.22 36.37
C ASP A 77 -16.32 8.28 35.81
N PRO A 78 -16.18 6.96 36.07
CA PRO A 78 -17.16 5.98 35.56
C PRO A 78 -18.61 6.32 35.94
N ASN A 79 -18.77 7.00 37.08
CA ASN A 79 -20.09 7.40 37.56
C ASN A 79 -20.86 8.35 36.63
N GLU A 80 -20.12 9.11 35.83
CA GLU A 80 -20.69 10.05 34.88
C GLU A 80 -21.01 9.41 33.52
N TYR A 81 -20.62 8.14 33.37
CA TYR A 81 -20.78 7.41 32.11
C TYR A 81 -21.31 5.99 32.32
N GLY A 82 -22.34 5.85 33.14
CA GLY A 82 -23.02 4.57 33.36
C GLY A 82 -22.12 3.43 33.82
N ASN A 83 -21.09 3.78 34.58
CA ASN A 83 -20.13 2.82 35.17
C ASN A 83 -19.20 2.13 34.18
N ILE A 84 -19.03 2.77 33.03
CA ILE A 84 -18.03 2.31 32.06
C ILE A 84 -16.65 2.50 32.69
N THR A 85 -15.86 1.42 32.72
CA THR A 85 -14.52 1.46 33.33
C THR A 85 -13.41 1.38 32.29
N ASP A 86 -13.72 0.89 31.10
CA ASP A 86 -12.73 0.83 30.01
C ASP A 86 -13.44 0.72 28.67
N PHE A 87 -12.72 1.00 27.60
CA PHE A 87 -13.26 0.82 26.27
C PHE A 87 -12.17 0.51 25.28
N ARG A 88 -12.57 -0.08 24.17
CA ARG A 88 -11.66 -0.36 23.08
C ARG A 88 -11.86 0.71 22.03
N THR A 89 -10.77 1.10 21.37
CA THR A 89 -10.88 2.10 20.33
C THR A 89 -9.74 1.97 19.34
N SER A 90 -10.01 2.35 18.09
CA SER A 90 -8.95 2.38 17.07
C SER A 90 -7.73 3.16 17.57
N ALA A 91 -6.53 2.64 17.33
CA ALA A 91 -5.28 3.30 17.75
C ALA A 91 -5.12 4.69 17.09
N ALA A 92 -5.85 4.90 15.99
CA ALA A 92 -5.87 6.19 15.28
C ALA A 92 -6.54 7.31 16.06
N ASP A 93 -7.36 6.95 17.05
CA ASP A 93 -8.16 7.91 17.82
C ASP A 93 -7.38 8.56 18.94
N ILE A 94 -6.23 7.97 19.27
CA ILE A 94 -5.42 8.42 20.41
C ILE A 94 -3.95 8.58 20.02
N TRP A 95 -3.20 9.32 20.83
CA TRP A 95 -1.76 9.40 20.67
C TRP A 95 -1.17 8.01 20.99
N THR A 96 -0.20 7.58 20.19
CA THR A 96 0.56 6.36 20.52
C THR A 96 2.05 6.61 20.37
N PRO A 97 2.86 5.93 21.20
CA PRO A 97 4.31 6.19 21.19
C PRO A 97 4.99 5.67 19.91
N ASP A 98 6.01 6.39 19.44
CA ASP A 98 6.72 6.01 18.21
C ASP A 98 7.82 4.96 18.44
N ILE A 99 7.49 3.86 19.12
CA ILE A 99 8.50 2.87 19.48
C ILE A 99 8.93 2.16 18.21
N THR A 100 10.24 2.11 18.00
CA THR A 100 10.82 1.74 16.70
C THR A 100 12.02 0.85 16.96
N ALA A 101 12.16 -0.22 16.15
CA ALA A 101 13.40 -1.01 16.18
C ALA A 101 14.53 -0.17 15.57
N TYR A 102 15.67 -0.13 16.24
CA TYR A 102 16.75 0.75 15.77
C TYR A 102 17.59 0.13 14.64
N SER A 103 17.41 -1.16 14.39
CA SER A 103 18.24 -1.86 13.42
C SER A 103 17.43 -2.78 12.48
N SER A 104 16.21 -2.35 12.17
CA SER A 104 15.39 -3.09 11.21
C SER A 104 16.03 -2.95 9.85
N THR A 105 15.75 -3.91 8.96
CA THR A 105 16.26 -3.82 7.57
C THR A 105 15.12 -3.73 6.55
N ARG A 106 13.88 -3.83 7.05
CA ARG A 106 12.67 -3.72 6.24
CA ARG A 106 12.65 -3.77 6.25
C ARG A 106 11.60 -3.11 7.13
N PRO A 107 10.59 -2.42 6.53
CA PRO A 107 9.53 -1.91 7.39
C PRO A 107 8.86 -3.03 8.19
N VAL A 108 8.59 -2.79 9.45
CA VAL A 108 7.89 -3.79 10.27
CA VAL A 108 7.83 -3.74 10.28
C VAL A 108 6.50 -4.03 9.64
N GLN A 109 6.06 -5.29 9.71
CA GLN A 109 4.74 -5.66 9.18
C GLN A 109 3.83 -5.97 10.37
N VAL A 110 2.66 -5.33 10.37
CA VAL A 110 1.76 -5.44 11.52
C VAL A 110 0.83 -6.63 11.27
N LEU A 111 0.67 -7.46 12.30
CA LEU A 111 -0.08 -8.70 12.18
C LEU A 111 -1.41 -8.67 12.96
N SER A 112 -1.64 -7.62 13.72
CA SER A 112 -2.86 -7.54 14.55
C SER A 112 -3.61 -6.25 14.28
N PRO A 113 -4.90 -6.20 14.65
CA PRO A 113 -5.73 -4.99 14.49
C PRO A 113 -5.19 -3.81 15.29
N GLN A 114 -5.25 -2.62 14.72
CA GLN A 114 -4.72 -1.43 15.43
CA GLN A 114 -4.74 -1.42 15.39
C GLN A 114 -5.78 -0.83 16.35
N ILE A 115 -5.99 -1.52 17.46
CA ILE A 115 -7.01 -1.18 18.46
C ILE A 115 -6.35 -1.26 19.84
N ALA A 116 -6.65 -0.28 20.69
CA ALA A 116 -6.09 -0.18 22.03
C ALA A 116 -7.22 -0.20 23.05
N VAL A 117 -6.86 -0.47 24.30
CA VAL A 117 -7.81 -0.43 25.41
C VAL A 117 -7.46 0.72 26.35
N VAL A 118 -8.44 1.58 26.61
CA VAL A 118 -8.27 2.74 27.45
C VAL A 118 -9.09 2.50 28.72
N THR A 119 -8.46 2.71 29.87
CA THR A 119 -9.07 2.52 31.19
C THR A 119 -9.34 3.87 31.86
N HIS A 120 -10.32 3.91 32.78
CA HIS A 120 -10.83 5.17 33.34
C HIS A 120 -9.79 6.02 34.09
N ASP A 121 -8.70 5.38 34.53
CA ASP A 121 -7.60 6.07 35.20
C ASP A 121 -6.63 6.72 34.20
N GLY A 122 -6.98 6.64 32.91
CA GLY A 122 -6.17 7.25 31.85
C GLY A 122 -5.11 6.31 31.30
N SER A 123 -5.08 5.07 31.79
CA SER A 123 -4.10 4.12 31.26
C SER A 123 -4.51 3.50 29.92
N VAL A 124 -3.52 3.23 29.09
CA VAL A 124 -3.74 2.69 27.75
C VAL A 124 -2.89 1.44 27.62
N MET A 125 -3.45 0.40 27.01
CA MET A 125 -2.66 -0.76 26.67
C MET A 125 -2.85 -1.05 25.20
N PHE A 126 -1.74 -1.24 24.50
CA PHE A 126 -1.75 -1.43 23.06
C PHE A 126 -0.72 -2.50 22.77
N ILE A 127 -1.14 -3.55 22.06
CA ILE A 127 -0.28 -4.75 21.87
C ILE A 127 -0.18 -5.13 20.39
N PRO A 128 0.63 -4.37 19.63
CA PRO A 128 0.83 -4.74 18.23
C PRO A 128 1.64 -6.02 18.05
N ALA A 129 1.11 -6.95 17.24
CA ALA A 129 1.88 -8.13 16.79
C ALA A 129 2.62 -7.71 15.52
N GLN A 130 3.89 -8.09 15.45
CA GLN A 130 4.76 -7.61 14.37
C GLN A 130 5.62 -8.73 13.83
N ARG A 131 5.90 -8.68 12.53
CA ARG A 131 7.01 -9.42 11.94
C ARG A 131 8.13 -8.44 11.59
N LEU A 132 9.34 -8.72 12.09
CA LEU A 132 10.47 -7.78 11.97
C LEU A 132 11.66 -8.49 11.36
N SER A 133 12.25 -7.87 10.32
CA SER A 133 13.58 -8.28 9.83
C SER A 133 14.59 -7.32 10.40
N PHE A 134 15.64 -7.86 11.03
CA PHE A 134 16.64 -6.98 11.64
C PHE A 134 18.04 -7.52 11.42
N MET A 135 19.02 -6.67 11.68
CA MET A 135 20.45 -6.99 11.47
C MET A 135 20.92 -8.03 12.46
N CYS A 136 21.32 -9.18 11.93
CA CYS A 136 21.71 -10.32 12.77
C CYS A 136 22.53 -11.32 11.98
N ASP A 137 23.75 -11.59 12.46
CA ASP A 137 24.61 -12.61 11.87
C ASP A 137 24.33 -13.92 12.61
N PRO A 138 23.71 -14.90 11.91
CA PRO A 138 23.30 -16.17 12.52
C PRO A 138 24.42 -17.20 12.60
N THR A 139 25.68 -16.77 12.41
CA THR A 139 26.83 -17.69 12.55
C THR A 139 26.74 -18.40 13.89
N GLY A 140 26.91 -19.71 13.86
CA GLY A 140 26.81 -20.54 15.04
C GLY A 140 25.43 -21.10 15.32
N VAL A 141 24.44 -20.75 14.48
CA VAL A 141 23.08 -21.23 14.71
C VAL A 141 22.99 -22.76 14.64
N ASP A 142 23.88 -23.36 13.85
CA ASP A 142 23.90 -24.81 13.67
C ASP A 142 24.87 -25.49 14.65
N SER A 143 25.09 -24.89 15.81
CA SER A 143 25.98 -25.45 16.82
C SER A 143 25.26 -25.49 18.16
N GLU A 144 25.82 -26.23 19.12
CA GLU A 144 25.21 -26.33 20.44
C GLU A 144 25.08 -24.98 21.15
N GLU A 145 26.07 -24.10 20.97
CA GLU A 145 26.07 -22.78 21.64
C GLU A 145 25.12 -21.79 20.96
N GLY A 146 24.78 -22.07 19.71
CA GLY A 146 23.83 -21.25 18.96
C GLY A 146 24.39 -19.90 18.53
N ALA A 147 23.49 -19.05 18.05
CA ALA A 147 23.80 -17.68 17.62
C ALA A 147 23.22 -16.69 18.62
N THR A 148 23.80 -15.50 18.67
CA THR A 148 23.27 -14.44 19.51
C THR A 148 23.05 -13.19 18.68
N CYS A 149 21.88 -12.58 18.82
CA CYS A 149 21.61 -11.33 18.16
C CYS A 149 20.86 -10.38 19.08
N ALA A 150 20.87 -9.09 18.75
CA ALA A 150 20.20 -8.12 19.59
C ALA A 150 19.63 -7.03 18.73
N VAL A 151 18.54 -6.44 19.22
CA VAL A 151 17.91 -5.29 18.57
C VAL A 151 17.31 -4.39 19.64
N LYS A 152 17.55 -3.09 19.50
CA LYS A 152 17.07 -2.08 20.44
C LYS A 152 15.75 -1.55 19.94
N PHE A 153 14.83 -1.32 20.87
CA PHE A 153 13.53 -0.68 20.59
C PHE A 153 13.39 0.58 21.42
N GLY A 154 13.01 1.68 20.80
CA GLY A 154 12.73 2.88 21.59
C GLY A 154 12.10 3.94 20.73
N SER A 155 11.77 5.08 21.34
CA SER A 155 11.28 6.22 20.57
C SER A 155 12.29 6.59 19.48
N TRP A 156 11.80 6.95 18.31
CA TRP A 156 12.68 7.48 17.28
C TRP A 156 13.09 8.92 17.59
N VAL A 157 12.14 9.74 18.04
CA VAL A 157 12.38 11.20 18.11
C VAL A 157 12.37 11.81 19.49
N TYR A 158 11.95 11.06 20.50
CA TYR A 158 11.87 11.61 21.88
C TYR A 158 13.05 11.13 22.69
N SER A 159 13.74 12.07 23.31
CA SER A 159 14.88 11.70 24.15
C SER A 159 14.36 11.19 25.50
N GLY A 160 15.27 10.74 26.35
CA GLY A 160 14.90 10.30 27.70
C GLY A 160 14.31 11.40 28.57
N PHE A 161 14.45 12.66 28.12
CA PHE A 161 13.80 13.76 28.82
C PHE A 161 12.32 13.90 28.52
N GLU A 162 11.84 13.26 27.45
CA GLU A 162 10.42 13.28 27.08
C GLU A 162 9.75 11.91 27.22
N ILE A 163 10.44 10.86 26.78
CA ILE A 163 9.94 9.50 26.93
C ILE A 163 10.97 8.64 27.66
N ASP A 164 10.54 8.10 28.79
CA ASP A 164 11.32 7.07 29.49
C ASP A 164 10.64 5.74 29.20
N LEU A 165 11.41 4.66 29.29
CA LEU A 165 10.86 3.32 29.14
C LEU A 165 11.09 2.52 30.41
N LYS A 166 10.23 1.54 30.64
CA LYS A 166 10.50 0.55 31.65
C LYS A 166 10.00 -0.81 31.23
N THR A 167 10.53 -1.84 31.90
CA THR A 167 10.07 -3.21 31.73
C THR A 167 9.60 -3.71 33.10
N ASP A 168 8.67 -4.66 33.10
CA ASP A 168 8.24 -5.31 34.34
C ASP A 168 9.18 -6.44 34.74
N THR A 169 9.86 -6.99 33.75
CA THR A 169 10.82 -8.08 33.93
C THR A 169 11.85 -7.97 32.82
N ASP A 170 13.06 -8.49 33.03
CA ASP A 170 14.04 -8.51 31.94
CA ASP A 170 14.04 -8.50 31.94
C ASP A 170 13.98 -9.83 31.17
N GLN A 171 13.01 -10.66 31.51
CA GLN A 171 12.78 -11.94 30.83
C GLN A 171 11.69 -11.80 29.77
N VAL A 172 12.07 -12.02 28.51
CA VAL A 172 11.11 -12.06 27.42
C VAL A 172 10.12 -13.20 27.67
N ASP A 173 8.83 -12.96 27.40
CA ASP A 173 7.82 -14.01 27.56
C ASP A 173 7.93 -15.03 26.43
N LEU A 174 8.26 -16.27 26.80
CA LEU A 174 8.47 -17.36 25.84
C LEU A 174 7.36 -18.40 25.89
N SER A 175 6.33 -18.10 26.68
CA SER A 175 5.27 -19.07 26.95
C SER A 175 4.39 -19.32 25.73
N SER A 176 4.49 -18.45 24.73
CA SER A 176 3.78 -18.63 23.45
C SER A 176 4.72 -18.95 22.28
N TYR A 177 5.97 -19.28 22.57
CA TYR A 177 6.94 -19.55 21.51
C TYR A 177 6.54 -20.81 20.76
N TYR A 178 6.52 -20.72 19.44
CA TYR A 178 6.12 -21.83 18.57
C TYR A 178 6.99 -23.08 18.81
N ALA A 179 6.35 -24.15 19.28
CA ALA A 179 7.06 -25.36 19.70
C ALA A 179 7.70 -26.17 18.56
N SER A 180 7.25 -25.93 17.33
CA SER A 180 7.84 -26.56 16.15
C SER A 180 8.55 -25.57 15.23
N SER A 181 9.01 -24.46 15.80
CA SER A 181 9.85 -23.52 15.05
C SER A 181 11.11 -24.23 14.56
N LYS A 182 11.65 -23.75 13.44
CA LYS A 182 12.96 -24.21 12.98
C LYS A 182 14.06 -23.91 14.00
N TYR A 183 13.84 -22.90 14.84
CA TYR A 183 14.84 -22.46 15.83
C TYR A 183 14.31 -22.61 17.24
N GLU A 184 15.10 -23.23 18.12
CA GLU A 184 14.75 -23.19 19.56
C GLU A 184 15.47 -22.03 20.27
N ILE A 185 14.81 -21.50 21.28
CA ILE A 185 15.32 -20.36 22.06
C ILE A 185 16.11 -20.83 23.25
N LEU A 186 17.35 -20.37 23.33
CA LEU A 186 18.21 -20.71 24.45
C LEU A 186 18.01 -19.68 25.57
N SER A 187 17.88 -18.41 25.19
CA SER A 187 17.49 -17.35 26.11
C SER A 187 17.00 -16.12 25.36
N ALA A 188 16.20 -15.32 26.05
CA ALA A 188 15.68 -14.07 25.48
C ALA A 188 15.46 -13.10 26.63
N THR A 189 16.19 -11.98 26.57
CA THR A 189 16.10 -10.96 27.61
C THR A 189 15.72 -9.62 27.01
N GLN A 190 15.14 -8.75 27.82
CA GLN A 190 14.73 -7.41 27.38
C GLN A 190 15.20 -6.43 28.47
N THR A 191 16.13 -5.56 28.12
CA THR A 191 16.82 -4.76 29.13
C THR A 191 16.78 -3.27 28.81
N ARG A 192 16.26 -2.47 29.75
CA ARG A 192 16.30 -1.01 29.58
C ARG A 192 17.74 -0.49 29.51
N GLN A 193 18.00 0.40 28.55
CA GLN A 193 19.29 1.07 28.41
C GLN A 193 19.14 2.57 28.24
N VAL A 194 20.12 3.32 28.75
CA VAL A 194 20.20 4.76 28.51
C VAL A 194 21.29 4.90 27.46
N GLN A 195 20.87 5.27 26.25
CA GLN A 195 21.73 5.16 25.08
C GLN A 195 22.19 6.53 24.61
N HIS A 196 23.51 6.73 24.57
CA HIS A 196 24.11 8.00 24.16
C HIS A 196 24.64 7.89 22.75
N TYR A 197 24.16 8.79 21.87
CA TYR A 197 24.61 8.86 20.47
C TYR A 197 25.49 10.09 20.26
N SER A 198 26.61 9.91 19.56
CA SER A 198 27.55 11.04 19.33
C SER A 198 26.91 12.21 18.52
N CYS A 199 25.77 11.93 17.85
CA CYS A 199 25.04 12.92 17.04
C CYS A 199 24.34 13.93 17.91
N CYS A 200 24.06 13.56 19.15
CA CYS A 200 22.95 14.11 19.91
C CYS A 200 23.31 14.24 21.39
N PRO A 201 23.16 15.44 21.98
CA PRO A 201 23.52 15.60 23.41
C PRO A 201 22.59 14.88 24.39
N GLU A 202 21.33 14.71 24.02
CA GLU A 202 20.40 14.04 24.93
C GLU A 202 20.32 12.55 24.61
N PRO A 203 20.39 11.69 25.65
CA PRO A 203 20.31 10.25 25.41
C PRO A 203 18.89 9.79 25.08
N TYR A 204 18.78 8.63 24.44
CA TYR A 204 17.49 8.03 24.16
C TYR A 204 17.38 6.78 25.02
N ILE A 205 16.19 6.44 25.45
CA ILE A 205 16.03 5.21 26.23
C ILE A 205 15.61 4.08 25.28
N ASP A 206 16.21 2.91 25.43
CA ASP A 206 15.76 1.78 24.62
C ASP A 206 15.61 0.53 25.49
N VAL A 207 14.90 -0.45 24.95
CA VAL A 207 14.87 -1.79 25.53
C VAL A 207 15.60 -2.70 24.55
N ASN A 208 16.69 -3.31 25.03
CA ASN A 208 17.54 -4.12 24.18
C ASN A 208 17.06 -5.57 24.26
N LEU A 209 16.59 -6.10 23.12
CA LEU A 209 16.12 -7.48 23.05
C LEU A 209 17.31 -8.34 22.61
N VAL A 210 17.76 -9.24 23.48
CA VAL A 210 18.88 -10.14 23.14
C VAL A 210 18.36 -11.57 23.09
N VAL A 211 18.51 -12.21 21.93
CA VAL A 211 18.00 -13.55 21.73
C VAL A 211 19.15 -14.47 21.39
N LYS A 212 19.24 -15.59 22.11
CA LYS A 212 20.21 -16.63 21.83
C LYS A 212 19.43 -17.85 21.35
N PHE A 213 19.82 -18.38 20.21
CA PHE A 213 18.99 -19.38 19.53
C PHE A 213 19.82 -20.35 18.71
N ARG A 214 19.23 -21.51 18.41
CA ARG A 214 19.93 -22.49 17.60
C ARG A 214 18.92 -23.30 16.80
N GLU A 215 19.40 -23.92 15.72
CA GLU A 215 18.55 -24.83 14.93
C GLU A 215 18.09 -25.97 15.82
N ARG A 216 16.82 -26.36 15.70
CA ARG A 216 16.21 -27.40 16.54
CA ARG A 216 16.31 -27.39 16.62
C ARG A 216 16.80 -28.79 16.28
N ASP B 4 0.88 21.65 40.15
CA ASP B 4 1.83 20.67 39.55
C ASP B 4 1.30 20.06 38.26
N ASP B 5 0.09 19.52 38.31
CA ASP B 5 -0.61 19.03 37.12
C ASP B 5 -1.37 20.16 36.43
N ASP B 6 -1.61 21.23 37.19
CA ASP B 6 -2.13 22.48 36.65
C ASP B 6 -1.12 23.08 35.68
N ASP B 7 0.15 23.04 36.08
CA ASP B 7 1.27 23.49 35.24
C ASP B 7 1.35 22.69 33.94
N LYS B 8 1.16 21.38 34.05
CA LYS B 8 1.19 20.46 32.92
C LYS B 8 0.08 20.73 31.91
N LEU B 9 -1.10 21.11 32.42
CA LEU B 9 -2.22 21.49 31.57
C LEU B 9 -1.91 22.78 30.82
N HIS B 10 -1.29 23.74 31.52
CA HIS B 10 -0.91 25.01 30.92
C HIS B 10 0.14 24.83 29.82
N SER B 11 1.10 23.94 30.06
CA SER B 11 2.15 23.65 29.06
C SER B 11 1.58 22.97 27.82
N GLN B 12 0.63 22.06 28.04
CA GLN B 12 -0.10 21.42 26.94
C GLN B 12 -0.89 22.43 26.12
N ALA B 13 -1.57 23.35 26.79
CA ALA B 13 -2.36 24.37 26.10
C ALA B 13 -1.50 25.36 25.31
N ASN B 14 -0.32 25.69 25.86
CA ASN B 14 0.62 26.57 25.19
C ASN B 14 1.14 25.94 23.90
N LEU B 15 1.51 24.66 23.98
CA LEU B 15 1.99 23.91 22.81
C LEU B 15 0.92 23.77 21.74
N MET B 16 -0.30 23.43 22.16
CA MET B 16 -1.44 23.35 21.24
C MET B 16 -1.71 24.69 20.56
N ARG B 17 -1.57 25.78 21.32
CA ARG B 17 -1.75 27.14 20.78
C ARG B 17 -0.63 27.56 19.82
N LEU B 18 0.60 27.19 20.16
CA LEU B 18 1.72 27.44 19.27
C LEU B 18 1.50 26.73 17.92
N LYS B 19 1.22 25.43 17.96
CA LYS B 19 0.99 24.64 16.75
C LYS B 19 -0.17 25.18 15.91
N SER B 20 -1.25 25.59 16.57
CA SER B 20 -2.37 26.23 15.90
C SER B 20 -1.95 27.52 15.19
N ASP B 21 -1.15 28.35 15.87
CA ASP B 21 -0.73 29.63 15.31
C ASP B 21 0.22 29.49 14.12
N LEU B 22 1.12 28.50 14.19
CA LEU B 22 2.08 28.25 13.11
C LEU B 22 1.43 27.64 11.87
N PHE B 23 0.49 26.72 12.09
CA PHE B 23 -0.08 25.93 11.01
C PHE B 23 -1.42 26.47 10.48
N ASN B 24 -2.01 27.44 11.20
CA ASN B 24 -3.24 28.10 10.74
C ASN B 24 -3.00 29.55 10.31
N TYR B 29 3.30 27.25 3.67
CA TYR B 29 4.55 27.66 3.01
C TYR B 29 4.64 26.98 1.65
N PRO B 30 4.80 27.77 0.58
CA PRO B 30 4.69 27.22 -0.77
C PRO B 30 5.98 26.59 -1.32
N GLY B 31 6.96 26.40 -0.45
CA GLY B 31 8.26 25.88 -0.87
C GLY B 31 9.18 27.03 -1.25
N PRO B 32 10.47 26.74 -1.45
CA PRO B 32 11.46 27.77 -1.81
C PRO B 32 11.28 28.29 -3.22
N THR B 33 11.86 29.47 -3.48
CA THR B 33 11.84 30.07 -4.80
C THR B 33 13.17 30.77 -5.02
N LYS B 34 13.37 31.25 -6.24
CA LYS B 34 14.56 32.03 -6.57
C LYS B 34 14.71 33.28 -5.69
N ASP B 35 13.57 33.88 -5.31
CA ASP B 35 13.54 35.06 -4.44
C ASP B 35 13.67 34.71 -2.95
N ASP B 36 13.34 33.47 -2.62
CA ASP B 36 13.36 33.00 -1.26
C ASP B 36 13.99 31.59 -1.23
N PRO B 37 15.32 31.53 -1.50
CA PRO B 37 15.98 30.22 -1.60
C PRO B 37 16.24 29.60 -0.24
N LEU B 38 16.47 28.29 -0.22
CA LEU B 38 16.63 27.56 1.01
C LEU B 38 17.86 26.66 0.92
N THR B 39 18.63 26.59 2.00
CA THR B 39 19.75 25.65 2.07
C THR B 39 19.34 24.45 2.89
N VAL B 40 19.42 23.26 2.28
CA VAL B 40 19.17 22.02 3.02
C VAL B 40 20.51 21.35 3.32
N THR B 41 20.75 21.07 4.60
CA THR B 41 21.94 20.33 5.00
C THR B 41 21.59 18.85 5.03
N LEU B 42 22.42 18.02 4.38
CA LEU B 42 22.26 16.56 4.40
C LEU B 42 23.46 15.88 5.04
N GLY B 43 23.20 14.73 5.66
CA GLY B 43 24.28 13.87 6.16
C GLY B 43 23.77 12.44 6.25
N PHE B 44 24.66 11.47 6.07
CA PHE B 44 24.29 10.08 6.18
C PHE B 44 24.96 9.37 7.34
N THR B 45 24.20 8.48 7.96
CA THR B 45 24.69 7.57 8.99
C THR B 45 24.46 6.19 8.38
N LEU B 46 25.54 5.57 7.88
CA LEU B 46 25.39 4.28 7.21
C LEU B 46 25.33 3.15 8.23
N GLN B 47 24.21 2.42 8.22
CA GLN B 47 24.04 1.34 9.21
C GLN B 47 24.41 -0.06 8.67
N ASP B 48 24.13 -0.32 7.40
CA ASP B 48 24.36 -1.69 6.89
C ASP B 48 24.34 -1.69 5.38
N ILE B 49 25.26 -2.45 4.78
CA ILE B 49 25.09 -2.92 3.40
C ILE B 49 24.44 -4.30 3.54
N VAL B 50 23.17 -4.41 3.16
CA VAL B 50 22.42 -5.63 3.44
C VAL B 50 22.70 -6.72 2.40
N LYS B 51 22.69 -6.30 1.14
CA LYS B 51 22.66 -7.24 0.03
C LYS B 51 23.40 -6.60 -1.15
N ALA B 52 24.22 -7.40 -1.85
CA ALA B 52 24.79 -6.99 -3.13
C ALA B 52 24.40 -8.06 -4.13
N ASP B 53 23.67 -7.68 -5.18
CA ASP B 53 23.17 -8.63 -6.13
C ASP B 53 23.95 -8.50 -7.43
N SER B 54 24.86 -9.45 -7.68
CA SER B 54 25.67 -9.42 -8.92
C SER B 54 24.90 -9.81 -10.19
N SER B 55 23.69 -10.35 -10.03
CA SER B 55 22.90 -10.77 -11.17
C SER B 55 22.15 -9.58 -11.79
N THR B 56 21.92 -8.56 -10.99
CA THR B 56 21.17 -7.38 -11.45
C THR B 56 21.97 -6.07 -11.26
N ASN B 57 23.11 -6.15 -10.57
CA ASN B 57 23.89 -4.94 -10.20
C ASN B 57 23.04 -3.92 -9.44
N GLU B 58 22.44 -4.41 -8.36
CA GLU B 58 21.73 -3.62 -7.38
C GLU B 58 22.36 -3.93 -6.01
N VAL B 59 22.55 -2.87 -5.21
CA VAL B 59 23.02 -3.04 -3.82
C VAL B 59 22.02 -2.36 -2.89
N ASP B 60 21.81 -2.95 -1.71
CA ASP B 60 20.79 -2.48 -0.75
C ASP B 60 21.51 -1.92 0.47
N LEU B 61 21.24 -0.66 0.76
CA LEU B 61 21.79 0.03 1.94
C LEU B 61 20.70 0.33 2.94
N VAL B 62 21.08 0.37 4.22
CA VAL B 62 20.22 0.88 5.28
C VAL B 62 20.99 2.02 5.95
N TYR B 63 20.37 3.20 6.00
CA TYR B 63 21.02 4.40 6.53
C TYR B 63 19.98 5.31 7.18
N TYR B 64 20.46 6.27 7.97
CA TYR B 64 19.63 7.35 8.46
C TYR B 64 20.11 8.56 7.68
N GLU B 65 19.16 9.28 7.08
CA GLU B 65 19.47 10.48 6.35
C GLU B 65 19.05 11.69 7.17
N GLN B 66 20.04 12.44 7.64
CA GLN B 66 19.75 13.70 8.32
C GLN B 66 19.43 14.79 7.32
N GLN B 67 18.31 15.48 7.55
CA GLN B 67 17.95 16.69 6.78
C GLN B 67 17.68 17.84 7.73
N ARG B 68 18.28 19.00 7.44
CA ARG B 68 18.07 20.21 8.23
C ARG B 68 17.84 21.39 7.32
N TRP B 69 16.89 22.24 7.69
CA TRP B 69 16.64 23.51 7.02
C TRP B 69 16.00 24.47 8.01
N LYS B 70 15.78 25.72 7.60
CA LYS B 70 15.30 26.76 8.51
C LYS B 70 14.36 27.68 7.74
N LEU B 71 13.18 27.91 8.31
CA LEU B 71 12.14 28.77 7.71
C LEU B 71 11.76 29.89 8.67
N ASN B 72 11.75 31.12 8.16
CA ASN B 72 11.23 32.25 8.95
C ASN B 72 9.79 32.05 9.40
N SER B 73 9.00 31.38 8.55
CA SER B 73 7.59 31.10 8.85
C SER B 73 7.40 30.13 10.01
N LEU B 74 8.47 29.42 10.41
CA LEU B 74 8.37 28.50 11.57
C LEU B 74 8.95 29.10 12.85
N MET B 75 9.34 30.37 12.80
CA MET B 75 9.91 31.06 13.97
C MET B 75 8.85 31.53 14.95
N TRP B 76 9.19 31.46 16.24
CA TRP B 76 8.37 32.05 17.30
C TRP B 76 9.23 32.52 18.46
N ASP B 77 8.64 33.40 19.28
CA ASP B 77 9.27 33.87 20.50
C ASP B 77 8.80 32.97 21.64
N PRO B 78 9.71 32.15 22.21
CA PRO B 78 9.34 31.27 23.32
C PRO B 78 8.60 31.96 24.46
N ASN B 79 8.94 33.23 24.72
CA ASN B 79 8.27 34.00 25.76
C ASN B 79 6.78 34.23 25.54
N GLU B 80 6.35 34.15 24.28
CA GLU B 80 4.93 34.30 23.92
C GLU B 80 4.15 32.99 24.06
N TYR B 81 4.87 31.89 24.29
CA TYR B 81 4.28 30.55 24.31
C TYR B 81 4.83 29.69 25.46
N GLY B 82 4.77 30.25 26.67
CA GLY B 82 5.15 29.52 27.89
C GLY B 82 6.57 28.97 27.88
N ASN B 83 7.46 29.66 27.17
CA ASN B 83 8.88 29.30 27.04
C ASN B 83 9.17 27.97 26.34
N ILE B 84 8.23 27.54 25.50
CA ILE B 84 8.45 26.38 24.63
C ILE B 84 9.53 26.76 23.63
N THR B 85 10.53 25.91 23.49
CA THR B 85 11.67 26.19 22.60
C THR B 85 11.71 25.29 21.35
N ASP B 86 11.00 24.16 21.42
CA ASP B 86 10.97 23.20 20.32
C ASP B 86 9.79 22.27 20.49
N PHE B 87 9.37 21.64 19.41
CA PHE B 87 8.34 20.59 19.49
C PHE B 87 8.57 19.52 18.44
N ARG B 88 8.02 18.33 18.72
CA ARG B 88 7.98 17.24 17.75
C ARG B 88 6.66 17.32 17.01
N THR B 89 6.68 17.12 15.70
CA THR B 89 5.45 17.06 14.91
C THR B 89 5.52 16.12 13.69
N SER B 90 4.36 15.61 13.26
CA SER B 90 4.30 14.78 12.05
C SER B 90 4.93 15.53 10.86
N ALA B 91 5.73 14.82 10.06
CA ALA B 91 6.31 15.38 8.83
C ALA B 91 5.24 15.82 7.84
N ALA B 92 4.04 15.28 7.98
CA ALA B 92 2.89 15.70 7.17
C ALA B 92 2.38 17.10 7.54
N ASP B 93 2.72 17.59 8.73
CA ASP B 93 2.27 18.91 9.19
C ASP B 93 3.06 20.06 8.58
N ILE B 94 4.21 19.74 7.97
CA ILE B 94 5.12 20.78 7.51
C ILE B 94 5.59 20.49 6.11
N TRP B 95 6.12 21.51 5.44
CA TRP B 95 6.80 21.31 4.17
C TRP B 95 8.09 20.53 4.44
N THR B 96 8.43 19.59 3.57
CA THR B 96 9.74 18.91 3.67
C THR B 96 10.36 18.88 2.28
N PRO B 97 11.71 18.89 2.20
CA PRO B 97 12.39 18.94 0.91
C PRO B 97 12.29 17.62 0.13
N ASP B 98 12.23 17.73 -1.20
CA ASP B 98 12.03 16.55 -2.05
C ASP B 98 13.36 15.84 -2.38
N ILE B 99 14.15 15.58 -1.34
CA ILE B 99 15.46 14.96 -1.51
C ILE B 99 15.28 13.49 -1.94
N THR B 100 15.88 13.15 -3.07
CA THR B 100 15.60 11.88 -3.77
C THR B 100 16.92 11.28 -4.20
N ALA B 101 17.04 9.96 -4.09
CA ALA B 101 18.17 9.25 -4.71
C ALA B 101 17.98 9.27 -6.23
N TYR B 102 19.04 9.56 -6.97
CA TYR B 102 18.91 9.69 -8.41
C TYR B 102 19.05 8.39 -9.21
N SER B 103 19.48 7.33 -8.55
CA SER B 103 19.77 6.05 -9.23
C SER B 103 19.21 4.86 -8.43
N SER B 104 18.10 5.10 -7.73
CA SER B 104 17.42 4.00 -7.04
C SER B 104 16.82 3.06 -8.09
N THR B 105 16.55 1.81 -7.70
CA THR B 105 15.93 0.87 -8.65
C THR B 105 14.60 0.33 -8.11
N ARG B 106 14.28 0.73 -6.87
CA ARG B 106 13.03 0.37 -6.19
CA ARG B 106 12.99 0.41 -6.27
C ARG B 106 12.61 1.56 -5.33
N PRO B 107 11.29 1.70 -5.05
CA PRO B 107 10.96 2.77 -4.11
C PRO B 107 11.69 2.61 -2.77
N VAL B 108 12.09 3.74 -2.19
CA VAL B 108 12.71 3.70 -0.86
C VAL B 108 11.71 3.12 0.14
N GLN B 109 12.20 2.31 1.06
CA GLN B 109 11.35 1.83 2.13
C GLN B 109 11.70 2.56 3.41
N VAL B 110 10.67 3.13 4.03
CA VAL B 110 10.85 3.96 5.20
C VAL B 110 10.83 3.09 6.44
N LEU B 111 11.84 3.24 7.29
CA LEU B 111 12.00 2.36 8.44
C LEU B 111 11.71 3.03 9.79
N SER B 112 11.47 4.34 9.77
CA SER B 112 11.27 5.12 10.99
C SER B 112 9.99 5.94 10.89
N PRO B 113 9.47 6.39 12.05
CA PRO B 113 8.33 7.31 12.11
C PRO B 113 8.60 8.62 11.36
N GLN B 114 7.61 9.14 10.67
CA GLN B 114 7.77 10.38 9.90
C GLN B 114 7.40 11.54 10.81
N ILE B 115 8.33 11.88 11.70
CA ILE B 115 8.14 12.92 12.71
C ILE B 115 9.41 13.75 12.74
N ALA B 116 9.27 15.08 12.80
CA ALA B 116 10.40 16.02 12.74
C ALA B 116 10.40 16.86 14.01
N VAL B 117 11.52 17.54 14.25
CA VAL B 117 11.63 18.44 15.39
C VAL B 117 11.78 19.85 14.87
N VAL B 118 10.91 20.73 15.33
CA VAL B 118 10.96 22.15 14.96
C VAL B 118 11.39 22.97 16.18
N THR B 119 12.34 23.87 15.96
CA THR B 119 12.91 24.72 17.02
C THR B 119 12.47 26.18 16.81
N HIS B 120 12.43 26.97 17.89
CA HIS B 120 11.88 28.34 17.88
C HIS B 120 12.51 29.30 16.87
N ASP B 121 13.73 29.01 16.43
CA ASP B 121 14.43 29.84 15.44
C ASP B 121 14.01 29.48 14.00
N GLY B 122 13.10 28.53 13.88
CA GLY B 122 12.53 28.11 12.60
C GLY B 122 13.25 26.93 12.00
N SER B 123 14.24 26.40 12.70
CA SER B 123 14.97 25.28 12.15
C SER B 123 14.21 23.98 12.32
N VAL B 124 14.38 23.09 11.36
CA VAL B 124 13.72 21.79 11.37
C VAL B 124 14.82 20.74 11.23
N MET B 125 14.71 19.67 12.00
CA MET B 125 15.56 18.51 11.78
C MET B 125 14.70 17.30 11.62
N PHE B 126 14.96 16.56 10.55
CA PHE B 126 14.15 15.43 10.16
C PHE B 126 15.11 14.30 9.77
N ILE B 127 14.95 13.12 10.39
CA ILE B 127 15.91 12.01 10.23
C ILE B 127 15.16 10.74 9.81
N PRO B 128 14.82 10.64 8.52
CA PRO B 128 14.26 9.37 8.02
C PRO B 128 15.31 8.25 7.90
N ALA B 129 15.01 7.08 8.46
CA ALA B 129 15.80 5.87 8.18
C ALA B 129 15.19 5.19 6.96
N GLN B 130 16.05 4.73 6.07
CA GLN B 130 15.62 4.19 4.77
C GLN B 130 16.38 2.92 4.42
N ARG B 131 15.68 2.01 3.74
CA ARG B 131 16.35 0.98 2.94
C ARG B 131 16.26 1.35 1.47
N LEU B 132 17.42 1.40 0.81
CA LEU B 132 17.50 1.86 -0.58
C LEU B 132 18.14 0.77 -1.43
N SER B 133 17.50 0.38 -2.55
CA SER B 133 18.21 -0.42 -3.59
C SER B 133 18.65 0.58 -4.66
N PHE B 134 19.91 0.50 -5.07
CA PHE B 134 20.41 1.42 -6.10
C PHE B 134 21.38 0.72 -7.04
N MET B 135 21.69 1.40 -8.14
CA MET B 135 22.50 0.82 -9.20
C MET B 135 23.96 0.75 -8.76
N CYS B 136 24.47 -0.47 -8.69
CA CYS B 136 25.82 -0.72 -8.18
C CYS B 136 26.34 -2.05 -8.68
N ASP B 137 27.50 -2.03 -9.33
CA ASP B 137 28.16 -3.25 -9.78
C ASP B 137 29.11 -3.68 -8.66
N PRO B 138 28.81 -4.81 -7.99
CA PRO B 138 29.63 -5.26 -6.85
C PRO B 138 30.89 -6.05 -7.23
N THR B 139 31.23 -6.06 -8.52
CA THR B 139 32.45 -6.75 -8.94
C THR B 139 33.65 -6.29 -8.12
N GLY B 140 34.39 -7.25 -7.59
CA GLY B 140 35.55 -6.98 -6.76
C GLY B 140 35.27 -6.97 -5.27
N VAL B 141 34.00 -7.16 -4.90
CA VAL B 141 33.63 -7.15 -3.48
C VAL B 141 34.36 -8.27 -2.71
N ASP B 142 34.70 -9.34 -3.43
CA ASP B 142 35.41 -10.51 -2.88
C ASP B 142 36.95 -10.40 -3.02
N SER B 143 37.43 -9.16 -3.11
CA SER B 143 38.86 -8.90 -3.25
C SER B 143 39.34 -7.88 -2.22
N GLU B 144 40.65 -7.78 -2.06
CA GLU B 144 41.28 -6.83 -1.14
C GLU B 144 40.84 -5.37 -1.34
N GLU B 145 40.78 -4.97 -2.60
CA GLU B 145 40.45 -3.59 -2.98
C GLU B 145 38.96 -3.30 -2.85
N GLY B 146 38.15 -4.36 -2.88
CA GLY B 146 36.70 -4.23 -2.74
C GLY B 146 36.00 -3.66 -3.96
N ALA B 147 34.73 -3.31 -3.78
CA ALA B 147 33.91 -2.70 -4.82
C ALA B 147 33.67 -1.25 -4.45
N THR B 148 33.39 -0.40 -5.44
CA THR B 148 33.08 1.00 -5.19
C THR B 148 31.81 1.33 -5.94
N CYS B 149 30.89 1.96 -5.25
CA CYS B 149 29.65 2.41 -5.86
C CYS B 149 29.31 3.78 -5.36
N ALA B 150 28.36 4.42 -6.04
CA ALA B 150 28.03 5.80 -5.71
C ALA B 150 26.59 6.03 -6.09
N VAL B 151 25.94 6.93 -5.36
CA VAL B 151 24.56 7.34 -5.62
C VAL B 151 24.43 8.81 -5.22
N LYS B 152 23.83 9.62 -6.09
CA LYS B 152 23.61 11.06 -5.86
C LYS B 152 22.24 11.26 -5.25
N PHE B 153 22.15 12.25 -4.34
CA PHE B 153 20.89 12.62 -3.72
C PHE B 153 20.69 14.11 -3.93
N GLY B 154 19.47 14.51 -4.24
CA GLY B 154 19.19 15.94 -4.44
C GLY B 154 17.73 16.16 -4.69
N SER B 155 17.33 17.42 -4.80
CA SER B 155 15.95 17.75 -5.14
C SER B 155 15.59 17.17 -6.50
N TRP B 156 14.35 16.69 -6.64
CA TRP B 156 13.88 16.21 -7.92
C TRP B 156 13.52 17.40 -8.81
N VAL B 157 12.96 18.45 -8.23
CA VAL B 157 12.35 19.52 -9.03
C VAL B 157 12.93 20.92 -8.87
N TYR B 158 13.75 21.17 -7.85
CA TYR B 158 14.34 22.50 -7.62
C TYR B 158 15.79 22.58 -8.05
N SER B 159 16.18 23.66 -8.73
CA SER B 159 17.60 23.87 -9.07
C SER B 159 18.36 24.46 -7.89
N GLY B 160 19.67 24.67 -8.09
CA GLY B 160 20.54 25.26 -7.06
C GLY B 160 20.19 26.71 -6.75
N PHE B 161 19.39 27.33 -7.60
CA PHE B 161 18.92 28.70 -7.36
C PHE B 161 17.72 28.75 -6.41
N GLU B 162 17.12 27.60 -6.12
CA GLU B 162 15.98 27.49 -5.17
C GLU B 162 16.32 26.67 -3.93
N ILE B 163 16.99 25.55 -4.14
CA ILE B 163 17.50 24.77 -3.02
C ILE B 163 19.00 24.54 -3.20
N ASP B 164 19.78 25.04 -2.27
CA ASP B 164 21.19 24.68 -2.21
C ASP B 164 21.31 23.53 -1.23
N LEU B 165 22.33 22.71 -1.39
CA LEU B 165 22.63 21.67 -0.40
C LEU B 165 23.97 21.95 0.23
N LYS B 166 24.12 21.46 1.45
CA LYS B 166 25.43 21.43 2.07
C LYS B 166 25.56 20.19 2.92
N THR B 167 26.79 19.80 3.22
CA THR B 167 27.09 18.80 4.22
C THR B 167 27.91 19.49 5.32
N ASP B 168 27.84 18.97 6.54
CA ASP B 168 28.70 19.45 7.63
C ASP B 168 30.09 18.83 7.54
N THR B 169 30.13 17.61 6.99
CA THR B 169 31.39 16.88 6.81
C THR B 169 31.26 16.04 5.55
N ASP B 170 32.40 15.76 4.91
CA ASP B 170 32.37 14.86 3.77
C ASP B 170 32.58 13.41 4.20
N GLN B 171 32.70 13.18 5.51
CA GLN B 171 32.81 11.83 6.06
C GLN B 171 31.43 11.31 6.48
N VAL B 172 31.01 10.21 5.86
CA VAL B 172 29.79 9.51 6.28
C VAL B 172 30.00 8.98 7.69
N ASP B 173 28.96 9.09 8.53
CA ASP B 173 29.05 8.58 9.90
C ASP B 173 28.93 7.05 9.88
N LEU B 174 30.02 6.38 10.27
CA LEU B 174 30.10 4.92 10.29
C LEU B 174 30.09 4.36 11.72
N SER B 175 29.88 5.24 12.70
CA SER B 175 29.97 4.85 14.12
C SER B 175 28.89 3.85 14.55
N SER B 176 27.78 3.83 13.79
CA SER B 176 26.70 2.86 14.00
C SER B 176 26.63 1.78 12.92
N TYR B 177 27.68 1.65 12.12
CA TYR B 177 27.69 0.61 11.09
C TYR B 177 27.70 -0.77 11.75
N TYR B 178 26.82 -1.65 11.28
CA TYR B 178 26.66 -2.98 11.85
C TYR B 178 27.96 -3.81 11.79
N ALA B 179 28.49 -4.14 12.98
CA ALA B 179 29.80 -4.78 13.09
C ALA B 179 29.86 -6.21 12.53
N SER B 180 28.68 -6.81 12.35
CA SER B 180 28.62 -8.16 11.81
C SER B 180 27.92 -8.23 10.45
N SER B 181 27.93 -7.11 9.72
CA SER B 181 27.45 -7.07 8.35
C SER B 181 28.22 -8.06 7.47
N LYS B 182 27.58 -8.56 6.40
CA LYS B 182 28.30 -9.37 5.41
C LYS B 182 29.42 -8.55 4.73
N TYR B 183 29.28 -7.23 4.76
CA TYR B 183 30.21 -6.31 4.06
C TYR B 183 30.86 -5.34 5.03
N GLU B 184 32.18 -5.21 4.97
CA GLU B 184 32.85 -4.19 5.76
C GLU B 184 33.06 -2.95 4.89
N ILE B 185 33.05 -1.77 5.53
CA ILE B 185 33.25 -0.51 4.82
C ILE B 185 34.72 -0.14 4.85
N LEU B 186 35.25 0.09 3.66
CA LEU B 186 36.61 0.56 3.50
C LEU B 186 36.64 2.11 3.59
N SER B 187 35.67 2.75 2.94
CA SER B 187 35.46 4.20 3.11
C SER B 187 34.05 4.57 2.68
N ALA B 188 33.58 5.71 3.16
CA ALA B 188 32.26 6.22 2.78
C ALA B 188 32.30 7.73 2.90
N THR B 189 32.08 8.39 1.78
CA THR B 189 32.10 9.85 1.72
C THR B 189 30.79 10.40 1.14
N GLN B 190 30.50 11.65 1.47
CA GLN B 190 29.29 12.32 1.03
C GLN B 190 29.74 13.73 0.61
N THR B 191 29.69 14.00 -0.69
CA THR B 191 30.35 15.21 -1.22
C THR B 191 29.38 16.02 -2.03
N ARG B 192 29.26 17.31 -1.69
CA ARG B 192 28.45 18.24 -2.47
C ARG B 192 29.06 18.41 -3.86
N GLN B 193 28.20 18.38 -4.87
CA GLN B 193 28.60 18.53 -6.27
C GLN B 193 27.72 19.58 -6.96
N VAL B 194 28.35 20.42 -7.79
CA VAL B 194 27.61 21.38 -8.59
C VAL B 194 27.68 20.89 -10.04
N GLN B 195 26.50 20.68 -10.63
CA GLN B 195 26.39 20.13 -11.97
C GLN B 195 25.74 21.15 -12.87
N HIS B 196 26.22 21.22 -14.11
CA HIS B 196 25.54 22.00 -15.12
C HIS B 196 25.10 21.10 -16.26
N TYR B 197 24.01 21.52 -16.90
CA TYR B 197 23.48 20.86 -18.10
C TYR B 197 23.49 21.85 -19.25
N SER B 198 23.90 21.39 -20.43
CA SER B 198 24.20 22.26 -21.59
C SER B 198 23.10 23.27 -21.95
N CYS B 199 21.85 22.85 -21.85
CA CYS B 199 20.69 23.69 -22.16
C CYS B 199 20.62 24.99 -21.35
N CYS B 200 21.12 24.92 -20.12
CA CYS B 200 20.64 25.75 -19.03
C CYS B 200 21.73 26.37 -18.16
N PRO B 201 21.63 27.69 -17.89
CA PRO B 201 22.67 28.37 -17.13
C PRO B 201 22.70 28.05 -15.63
N GLU B 202 21.56 27.65 -15.08
CA GLU B 202 21.42 27.44 -13.63
C GLU B 202 22.13 26.17 -13.14
N PRO B 203 22.78 26.27 -11.95
CA PRO B 203 23.46 25.12 -11.37
C PRO B 203 22.46 24.15 -10.73
N TYR B 204 22.83 22.89 -10.72
CA TYR B 204 22.07 21.85 -10.03
C TYR B 204 22.99 21.24 -9.01
N ILE B 205 22.47 20.93 -7.83
CA ILE B 205 23.32 20.53 -6.73
C ILE B 205 22.93 19.13 -6.28
N ASP B 206 23.92 18.29 -5.99
CA ASP B 206 23.60 17.02 -5.34
C ASP B 206 24.63 16.68 -4.29
N VAL B 207 24.33 15.68 -3.47
CA VAL B 207 25.35 15.12 -2.57
C VAL B 207 25.62 13.70 -3.04
N ASN B 208 26.89 13.43 -3.35
CA ASN B 208 27.30 12.14 -3.90
C ASN B 208 27.78 11.25 -2.77
N LEU B 209 27.03 10.17 -2.53
CA LEU B 209 27.41 9.17 -1.55
C LEU B 209 28.27 8.09 -2.23
N VAL B 210 29.54 8.00 -1.85
CA VAL B 210 30.44 6.99 -2.45
C VAL B 210 30.87 6.01 -1.39
N VAL B 211 30.60 4.72 -1.64
CA VAL B 211 30.94 3.70 -0.68
C VAL B 211 31.87 2.64 -1.30
N LYS B 212 32.99 2.41 -0.60
CA LYS B 212 33.93 1.37 -0.94
CA LYS B 212 33.97 1.40 -0.92
C LYS B 212 33.81 0.28 0.11
N PHE B 213 33.54 -0.95 -0.36
CA PHE B 213 33.23 -2.05 0.55
C PHE B 213 33.73 -3.39 0.04
N ARG B 214 33.83 -4.35 0.96
CA ARG B 214 34.25 -5.70 0.60
C ARG B 214 33.63 -6.73 1.53
N GLU B 215 33.61 -7.98 1.10
CA GLU B 215 33.08 -9.05 1.90
C GLU B 215 33.91 -9.17 3.16
N ARG B 216 33.24 -9.22 4.31
CA ARG B 216 33.88 -9.36 5.62
C ARG B 216 34.46 -10.77 5.71
N ARG B 217 35.75 -10.85 6.04
CA ARG B 217 36.46 -12.13 6.15
C ARG B 217 36.99 -12.36 7.56
N PHE B 222 44.78 -10.71 4.08
CA PHE B 222 46.25 -10.61 4.18
C PHE B 222 46.67 -9.18 4.54
N ASP C 5 13.98 40.53 4.69
CA ASP C 5 13.00 39.51 5.19
C ASP C 5 11.58 39.78 4.73
N ASP C 6 11.20 41.07 4.71
CA ASP C 6 9.86 41.49 4.26
C ASP C 6 9.65 41.28 2.77
N ASP C 7 10.73 41.41 1.98
CA ASP C 7 10.70 41.15 0.53
C ASP C 7 10.37 39.69 0.24
N LYS C 8 11.00 38.79 1.00
CA LYS C 8 10.80 37.35 0.84
C LYS C 8 9.39 36.94 1.30
N LEU C 9 8.90 37.59 2.36
CA LEU C 9 7.52 37.40 2.80
C LEU C 9 6.53 37.80 1.70
N HIS C 10 6.82 38.89 0.99
CA HIS C 10 6.01 39.32 -0.17
C HIS C 10 6.08 38.33 -1.34
N SER C 11 7.26 37.77 -1.59
CA SER C 11 7.40 36.77 -2.65
C SER C 11 6.63 35.51 -2.25
N GLN C 12 6.75 35.11 -0.98
CA GLN C 12 5.98 33.99 -0.44
C GLN C 12 4.48 34.25 -0.60
N ALA C 13 4.06 35.48 -0.28
CA ALA C 13 2.67 35.90 -0.42
C ALA C 13 2.17 35.87 -1.86
N ASN C 14 2.97 36.37 -2.80
CA ASN C 14 2.61 36.36 -4.22
C ASN C 14 2.42 34.93 -4.75
N LEU C 15 3.28 34.02 -4.32
CA LEU C 15 3.17 32.62 -4.74
C LEU C 15 1.92 31.95 -4.16
N MET C 16 1.63 32.16 -2.88
CA MET C 16 0.43 31.58 -2.26
C MET C 16 -0.84 32.12 -2.93
N ARG C 17 -0.82 33.41 -3.26
CA ARG C 17 -1.95 34.06 -3.92
C ARG C 17 -2.15 33.48 -5.31
N LEU C 18 -1.04 33.32 -6.06
CA LEU C 18 -1.08 32.73 -7.41
C LEU C 18 -1.71 31.35 -7.38
N LYS C 19 -1.22 30.49 -6.49
CA LYS C 19 -1.72 29.12 -6.40
C LYS C 19 -3.20 29.10 -6.01
N SER C 20 -3.58 29.94 -5.06
CA SER C 20 -5.00 29.95 -4.68
C SER C 20 -5.89 30.49 -5.81
N ASP C 21 -5.42 31.51 -6.54
CA ASP C 21 -6.16 32.02 -7.70
C ASP C 21 -6.37 30.92 -8.75
N LEU C 22 -5.32 30.16 -9.01
CA LEU C 22 -5.35 29.12 -10.05
C LEU C 22 -6.18 27.91 -9.64
N PHE C 23 -6.01 27.48 -8.39
CA PHE C 23 -6.56 26.22 -7.90
C PHE C 23 -7.86 26.36 -7.11
N ASN C 24 -7.75 27.03 -5.96
CA ASN C 24 -8.83 27.12 -4.98
C ASN C 24 -9.85 28.16 -5.41
N ARG C 25 -9.98 28.28 -6.73
CA ARG C 25 -10.75 29.31 -7.40
C ARG C 25 -10.65 28.95 -8.88
N SER C 26 -11.22 29.79 -9.76
CA SER C 26 -11.26 29.51 -11.21
C SER C 26 -12.18 28.33 -11.53
N MET C 28 -11.17 24.61 -12.62
CA MET C 28 -12.32 23.79 -12.98
C MET C 28 -12.12 23.02 -14.29
N TYR C 29 -10.86 22.80 -14.67
CA TYR C 29 -10.50 21.99 -15.84
C TYR C 29 -10.85 20.53 -15.61
N PRO C 30 -11.78 19.98 -16.42
CA PRO C 30 -12.28 18.62 -16.25
C PRO C 30 -11.56 17.53 -17.06
N GLY C 31 -10.33 17.80 -17.49
CA GLY C 31 -9.67 16.91 -18.43
C GLY C 31 -10.07 17.23 -19.87
N PRO C 32 -9.32 16.67 -20.84
CA PRO C 32 -9.58 17.03 -22.23
C PRO C 32 -10.86 16.40 -22.79
N THR C 33 -11.38 16.96 -23.87
CA THR C 33 -12.58 16.48 -24.54
C THR C 33 -12.43 16.70 -26.04
N LYS C 34 -13.38 16.20 -26.82
CA LYS C 34 -13.34 16.39 -28.28
C LYS C 34 -13.33 17.87 -28.65
N ASP C 35 -14.00 18.68 -27.84
CA ASP C 35 -14.11 20.13 -28.08
C ASP C 35 -12.93 20.91 -27.51
N ASP C 36 -12.19 20.29 -26.60
CA ASP C 36 -11.06 20.91 -25.93
C ASP C 36 -9.92 19.87 -25.83
N PRO C 37 -9.37 19.44 -26.99
CA PRO C 37 -8.37 18.35 -26.99
C PRO C 37 -6.98 18.81 -26.57
N LEU C 38 -6.15 17.87 -26.12
CA LEU C 38 -4.86 18.18 -25.53
C LEU C 38 -3.75 17.37 -26.21
N THR C 39 -2.60 18.00 -26.45
CA THR C 39 -1.41 17.26 -26.92
C THR C 39 -0.40 17.10 -25.79
N VAL C 40 -0.06 15.85 -25.49
CA VAL C 40 0.93 15.53 -24.46
C VAL C 40 2.22 15.13 -25.17
N THR C 41 3.31 15.77 -24.79
CA THR C 41 4.62 15.44 -25.34
C THR C 41 5.28 14.45 -24.38
N LEU C 42 5.79 13.34 -24.91
CA LEU C 42 6.45 12.32 -24.08
C LEU C 42 7.90 12.16 -24.49
N GLY C 43 8.75 11.87 -23.51
CA GLY C 43 10.15 11.56 -23.81
C GLY C 43 10.70 10.69 -22.73
N PHE C 44 11.54 9.74 -23.10
CA PHE C 44 12.11 8.83 -22.11
C PHE C 44 13.61 9.04 -21.94
N THR C 45 14.04 8.94 -20.70
CA THR C 45 15.45 8.90 -20.36
C THR C 45 15.66 7.54 -19.73
N LEU C 46 16.33 6.63 -20.45
CA LEU C 46 16.48 5.27 -19.95
C LEU C 46 17.73 5.18 -19.06
N GLN C 47 17.50 4.80 -17.81
CA GLN C 47 18.59 4.76 -16.85
C GLN C 47 19.20 3.36 -16.67
N ASP C 48 18.39 2.31 -16.74
CA ASP C 48 18.93 0.97 -16.51
C ASP C 48 17.96 -0.09 -17.01
N ILE C 49 18.50 -1.15 -17.62
CA ILE C 49 17.80 -2.44 -17.73
C ILE C 49 18.32 -3.21 -16.53
N VAL C 50 17.45 -3.42 -15.55
CA VAL C 50 17.90 -3.99 -14.28
C VAL C 50 17.97 -5.50 -14.36
N LYS C 51 16.95 -6.09 -14.98
CA LYS C 51 16.73 -7.53 -14.92
C LYS C 51 16.10 -7.98 -16.22
N ALA C 52 16.58 -9.12 -16.75
CA ALA C 52 15.88 -9.78 -17.85
C ALA C 52 15.59 -11.22 -17.43
N ASP C 53 14.32 -11.59 -17.42
CA ASP C 53 13.93 -12.89 -16.89
C ASP C 53 13.48 -13.79 -18.03
N SER C 54 14.32 -14.76 -18.40
CA SER C 54 13.98 -15.64 -19.50
C SER C 54 13.01 -16.77 -19.11
N SER C 55 12.72 -16.93 -17.83
CA SER C 55 11.75 -17.92 -17.39
C SER C 55 10.31 -17.41 -17.54
N THR C 56 10.13 -16.09 -17.52
CA THR C 56 8.78 -15.49 -17.62
C THR C 56 8.64 -14.53 -18.81
N ASN C 57 9.74 -14.26 -19.51
CA ASN C 57 9.80 -13.22 -20.55
C ASN C 57 9.26 -11.88 -20.05
N GLU C 58 9.88 -11.42 -18.98
CA GLU C 58 9.65 -10.09 -18.41
C GLU C 58 11.01 -9.41 -18.30
N VAL C 59 11.06 -8.12 -18.63
CA VAL C 59 12.28 -7.33 -18.47
C VAL C 59 11.90 -6.12 -17.63
N ASP C 60 12.80 -5.72 -16.73
CA ASP C 60 12.61 -4.57 -15.81
C ASP C 60 13.49 -3.39 -16.21
N LEU C 61 12.84 -2.27 -16.46
CA LEU C 61 13.50 -1.02 -16.85
C LEU C 61 13.36 0.00 -15.74
N VAL C 62 14.35 0.89 -15.63
CA VAL C 62 14.23 2.11 -14.79
C VAL C 62 14.45 3.30 -15.74
N TYR C 63 13.50 4.22 -15.77
CA TYR C 63 13.58 5.36 -16.70
C TYR C 63 12.89 6.57 -16.07
N TYR C 64 13.17 7.75 -16.62
CA TYR C 64 12.41 8.94 -16.29
C TYR C 64 11.49 9.20 -17.48
N GLU C 65 10.20 9.41 -17.21
CA GLU C 65 9.24 9.68 -18.26
C GLU C 65 8.85 11.16 -18.23
N GLN C 66 9.40 11.94 -19.13
CA GLN C 66 9.05 13.37 -19.16
C GLN C 66 7.72 13.56 -19.88
N GLN C 67 6.80 14.25 -19.22
CA GLN C 67 5.49 14.56 -19.78
C GLN C 67 5.31 16.06 -19.78
N ARG C 68 4.78 16.58 -20.89
CA ARG C 68 4.56 18.01 -21.03
CA ARG C 68 4.53 18.01 -21.01
C ARG C 68 3.23 18.27 -21.73
N TRP C 69 2.48 19.25 -21.22
CA TRP C 69 1.21 19.68 -21.83
C TRP C 69 0.97 21.13 -21.41
N LYS C 70 -0.04 21.77 -21.98
CA LYS C 70 -0.26 23.19 -21.75
C LYS C 70 -1.77 23.43 -21.63
N LEU C 71 -2.18 24.14 -20.58
CA LEU C 71 -3.58 24.45 -20.32
C LEU C 71 -3.79 25.95 -20.20
N ASN C 72 -4.77 26.49 -20.94
CA ASN C 72 -5.16 27.88 -20.76
C ASN C 72 -5.50 28.22 -19.30
N SER C 73 -6.09 27.26 -18.59
CA SER C 73 -6.53 27.46 -17.21
C SER C 73 -5.37 27.63 -16.22
N LEU C 74 -4.15 27.28 -16.66
CA LEU C 74 -2.97 27.45 -15.81
C LEU C 74 -2.11 28.65 -16.17
N MET C 75 -2.60 29.53 -17.05
CA MET C 75 -1.85 30.72 -17.47
C MET C 75 -2.01 31.86 -16.47
N TRP C 76 -0.95 32.64 -16.30
CA TRP C 76 -1.01 33.92 -15.58
C TRP C 76 -0.05 34.94 -16.12
N ASP C 77 -0.30 36.20 -15.78
CA ASP C 77 0.58 37.30 -16.12
C ASP C 77 1.57 37.47 -14.96
N PRO C 78 2.87 37.19 -15.19
CA PRO C 78 3.86 37.35 -14.11
C PRO C 78 3.85 38.73 -13.44
N ASN C 79 3.48 39.76 -14.19
CA ASN C 79 3.42 41.13 -13.67
C ASN C 79 2.37 41.34 -12.56
N GLU C 80 1.34 40.50 -12.55
CA GLU C 80 0.31 40.56 -11.51
C GLU C 80 0.74 39.80 -10.25
N TYR C 81 1.83 39.04 -10.34
CA TYR C 81 2.28 38.18 -9.25
C TYR C 81 3.77 38.32 -8.90
N GLY C 82 4.28 39.55 -8.85
CA GLY C 82 5.68 39.80 -8.49
C GLY C 82 6.70 39.16 -9.42
N ASN C 83 6.35 39.08 -10.70
CA ASN C 83 7.19 38.49 -11.75
C ASN C 83 7.56 37.02 -11.56
N ILE C 84 6.72 36.31 -10.82
CA ILE C 84 6.82 34.85 -10.73
C ILE C 84 6.52 34.28 -12.11
N THR C 85 7.43 33.45 -12.64
CA THR C 85 7.29 32.92 -13.99
C THR C 85 6.98 31.42 -13.99
N ASP C 86 7.23 30.76 -12.88
CA ASP C 86 6.91 29.35 -12.74
C ASP C 86 6.86 28.95 -11.29
N PHE C 87 6.25 27.80 -11.00
CA PHE C 87 6.24 27.28 -9.65
C PHE C 87 6.17 25.76 -9.65
N ARG C 88 6.59 25.17 -8.53
CA ARG C 88 6.49 23.72 -8.34
C ARG C 88 5.31 23.43 -7.45
N THR C 89 4.58 22.36 -7.75
CA THR C 89 3.46 21.99 -6.93
C THR C 89 3.19 20.50 -6.98
N SER C 90 2.55 19.97 -5.93
CA SER C 90 2.19 18.55 -5.90
C SER C 90 1.39 18.23 -7.15
N ALA C 91 1.72 17.12 -7.80
CA ALA C 91 0.97 16.66 -8.97
C ALA C 91 -0.51 16.40 -8.66
N ALA C 92 -0.83 16.19 -7.37
CA ALA C 92 -2.22 16.05 -6.92
C ALA C 92 -3.05 17.33 -7.05
N ASP C 93 -2.38 18.48 -7.17
CA ASP C 93 -3.07 19.76 -7.23
C ASP C 93 -3.59 20.07 -8.64
N ILE C 94 -3.16 19.29 -9.63
CA ILE C 94 -3.47 19.58 -11.02
C ILE C 94 -3.91 18.30 -11.75
N TRP C 95 -4.56 18.48 -12.88
CA TRP C 95 -4.88 17.38 -13.77
C TRP C 95 -3.56 16.84 -14.32
N THR C 96 -3.42 15.51 -14.38
CA THR C 96 -2.28 14.91 -15.07
C THR C 96 -2.82 13.82 -16.00
N PRO C 97 -2.13 13.57 -17.14
CA PRO C 97 -2.62 12.58 -18.11
C PRO C 97 -2.42 11.14 -17.64
N ASP C 98 -3.31 10.27 -18.11
CA ASP C 98 -3.33 8.86 -17.67
C ASP C 98 -2.43 7.99 -18.54
N ILE C 99 -1.21 8.47 -18.76
CA ILE C 99 -0.26 7.77 -19.63
C ILE C 99 0.13 6.45 -18.97
N THR C 100 -0.06 5.36 -19.72
CA THR C 100 0.03 3.99 -19.20
C THR C 100 0.83 3.12 -20.16
N ALA C 101 1.67 2.25 -19.58
CA ALA C 101 2.35 1.21 -20.37
C ALA C 101 1.31 0.17 -20.78
N TYR C 102 1.28 -0.20 -22.06
CA TYR C 102 0.21 -1.08 -22.52
C TYR C 102 0.47 -2.58 -22.28
N SER C 103 1.71 -2.92 -21.97
CA SER C 103 2.13 -4.32 -21.84
C SER C 103 2.98 -4.54 -20.56
N SER C 104 2.68 -3.76 -19.51
CA SER C 104 3.29 -4.00 -18.21
C SER C 104 2.81 -5.34 -17.69
N THR C 105 3.56 -5.91 -16.75
CA THR C 105 3.13 -7.19 -16.13
C THR C 105 2.99 -7.05 -14.60
N ARG C 106 3.35 -5.88 -14.09
CA ARG C 106 3.25 -5.53 -12.67
CA ARG C 106 3.24 -5.54 -12.68
C ARG C 106 2.91 -4.04 -12.60
N PRO C 107 2.28 -3.59 -11.49
CA PRO C 107 2.08 -2.14 -11.36
C PRO C 107 3.43 -1.40 -11.39
N VAL C 108 3.47 -0.28 -12.11
CA VAL C 108 4.67 0.56 -12.15
C VAL C 108 5.00 1.00 -10.73
N GLN C 109 6.29 1.02 -10.41
CA GLN C 109 6.74 1.55 -9.11
C GLN C 109 7.36 2.92 -9.31
N VAL C 110 6.85 3.90 -8.55
CA VAL C 110 7.27 5.28 -8.73
C VAL C 110 8.47 5.54 -7.83
N LEU C 111 9.52 6.12 -8.42
CA LEU C 111 10.81 6.29 -7.74
C LEU C 111 11.09 7.74 -7.36
N SER C 112 10.24 8.66 -7.80
CA SER C 112 10.48 10.09 -7.56
C SER C 112 9.26 10.76 -6.95
N PRO C 113 9.46 11.94 -6.32
CA PRO C 113 8.35 12.73 -5.75
C PRO C 113 7.30 13.15 -6.79
N GLN C 114 6.03 13.12 -6.40
CA GLN C 114 4.95 13.46 -7.34
CA GLN C 114 4.89 13.47 -7.28
C GLN C 114 4.72 14.98 -7.33
N ILE C 115 5.61 15.66 -8.05
CA ILE C 115 5.62 17.13 -8.09
C ILE C 115 5.88 17.58 -9.52
N ALA C 116 5.15 18.61 -9.95
CA ALA C 116 5.21 19.11 -11.33
C ALA C 116 5.68 20.55 -11.30
N VAL C 117 6.14 21.04 -12.46
CA VAL C 117 6.52 22.45 -12.62
C VAL C 117 5.52 23.09 -13.56
N VAL C 118 4.90 24.17 -13.10
CA VAL C 118 3.95 24.92 -13.92
C VAL C 118 4.57 26.26 -14.31
N THR C 119 4.44 26.62 -15.58
CA THR C 119 5.04 27.83 -16.11
C THR C 119 3.93 28.80 -16.53
N HIS C 120 4.21 30.10 -16.50
CA HIS C 120 3.18 31.13 -16.68
C HIS C 120 2.39 31.06 -17.97
N ASP C 121 2.94 30.39 -18.98
CA ASP C 121 2.25 30.24 -20.26
C ASP C 121 1.22 29.12 -20.18
N GLY C 122 1.11 28.46 -19.02
CA GLY C 122 0.15 27.39 -18.79
C GLY C 122 0.75 26.01 -19.02
N SER C 123 2.03 25.95 -19.40
CA SER C 123 2.68 24.66 -19.62
C SER C 123 3.04 23.97 -18.32
N VAL C 124 2.97 22.64 -18.34
CA VAL C 124 3.28 21.82 -17.18
C VAL C 124 4.32 20.80 -17.62
N MET C 125 5.31 20.58 -16.75
CA MET C 125 6.25 19.50 -16.96
CA MET C 125 6.33 19.55 -16.94
C MET C 125 6.28 18.62 -15.72
N PHE C 126 6.12 17.33 -15.98
CA PHE C 126 6.04 16.34 -14.92
C PHE C 126 6.93 15.18 -15.35
N ILE C 127 7.87 14.79 -14.49
CA ILE C 127 8.87 13.80 -14.86
C ILE C 127 8.97 12.68 -13.80
N PRO C 128 8.00 11.76 -13.79
CA PRO C 128 8.04 10.61 -12.87
C PRO C 128 9.15 9.62 -13.26
N ALA C 129 10.02 9.26 -12.32
CA ALA C 129 10.95 8.13 -12.50
C ALA C 129 10.17 6.85 -12.15
N GLN C 130 10.34 5.81 -12.95
CA GLN C 130 9.57 4.57 -12.78
C GLN C 130 10.47 3.36 -12.94
N ARG C 131 10.14 2.30 -12.20
CA ARG C 131 10.58 0.94 -12.52
C ARG C 131 9.38 0.19 -13.12
N LEU C 132 9.61 -0.38 -14.29
CA LEU C 132 8.54 -1.03 -15.05
C LEU C 132 8.97 -2.46 -15.37
N SER C 133 8.10 -3.44 -15.08
CA SER C 133 8.26 -4.80 -15.63
C SER C 133 7.32 -4.90 -16.83
N PHE C 134 7.84 -5.36 -17.95
CA PHE C 134 7.01 -5.50 -19.15
C PHE C 134 7.32 -6.76 -19.95
N MET C 135 6.43 -7.08 -20.88
CA MET C 135 6.50 -8.29 -21.68
C MET C 135 7.65 -8.17 -22.68
N CYS C 136 8.64 -9.03 -22.51
CA CYS C 136 9.84 -8.96 -23.33
C CYS C 136 10.57 -10.29 -23.30
N ASP C 137 10.81 -10.84 -24.48
CA ASP C 137 11.56 -12.08 -24.61
C ASP C 137 13.02 -11.71 -24.83
N PRO C 138 13.90 -12.01 -23.86
CA PRO C 138 15.30 -11.62 -23.93
C PRO C 138 16.18 -12.55 -24.77
N THR C 139 15.57 -13.49 -25.50
CA THR C 139 16.34 -14.42 -26.34
C THR C 139 17.29 -13.62 -27.23
N GLY C 140 18.56 -14.00 -27.24
CA GLY C 140 19.57 -13.33 -28.05
C GLY C 140 20.37 -12.30 -27.28
N VAL C 141 19.95 -12.00 -26.06
CA VAL C 141 20.67 -11.02 -25.23
C VAL C 141 22.15 -11.42 -25.00
N ASP C 142 22.43 -12.73 -25.08
CA ASP C 142 23.79 -13.25 -24.95
C ASP C 142 24.45 -13.47 -26.31
N SER C 143 24.07 -12.65 -27.28
CA SER C 143 24.65 -12.69 -28.60
C SER C 143 25.08 -11.29 -29.02
N GLU C 144 25.95 -11.22 -30.02
CA GLU C 144 26.35 -9.93 -30.58
C GLU C 144 25.17 -9.10 -31.08
N GLU C 145 24.17 -9.76 -31.68
CA GLU C 145 22.97 -9.06 -32.18
C GLU C 145 22.05 -8.57 -31.06
N GLY C 146 22.16 -9.18 -29.88
CA GLY C 146 21.33 -8.79 -28.73
C GLY C 146 19.86 -9.15 -28.86
N ALA C 147 19.06 -8.69 -27.90
CA ALA C 147 17.60 -8.87 -27.95
C ALA C 147 16.90 -7.55 -28.28
N THR C 148 15.70 -7.62 -28.82
CA THR C 148 14.90 -6.44 -29.09
C THR C 148 13.55 -6.61 -28.43
N CYS C 149 13.15 -5.59 -27.67
CA CYS C 149 11.81 -5.56 -27.08
C CYS C 149 11.15 -4.21 -27.29
N ALA C 150 9.83 -4.15 -27.11
CA ALA C 150 9.09 -2.92 -27.31
C ALA C 150 7.95 -2.84 -26.31
N VAL C 151 7.62 -1.61 -25.92
CA VAL C 151 6.44 -1.37 -25.10
C VAL C 151 5.83 -0.04 -25.53
N LYS C 152 4.50 -0.05 -25.69
CA LYS C 152 3.74 1.13 -26.07
C LYS C 152 3.23 1.88 -24.83
N PHE C 153 3.22 3.20 -24.92
CA PHE C 153 2.68 4.07 -23.87
C PHE C 153 1.61 4.98 -24.47
N GLY C 154 0.50 5.11 -23.78
CA GLY C 154 -0.54 6.04 -24.22
C GLY C 154 -1.62 6.18 -23.17
N SER C 155 -2.59 7.04 -23.45
CA SER C 155 -3.73 7.19 -22.54
C SER C 155 -4.47 5.86 -22.47
N TRP C 156 -4.96 5.52 -21.28
CA TRP C 156 -5.82 4.34 -21.15
C TRP C 156 -7.24 4.59 -21.68
N VAL C 157 -7.78 5.78 -21.38
CA VAL C 157 -9.20 6.07 -21.57
C VAL C 157 -9.55 7.15 -22.60
N TYR C 158 -8.55 7.92 -23.03
CA TYR C 158 -8.79 8.98 -24.03
C TYR C 158 -8.28 8.56 -25.39
N SER C 159 -9.13 8.71 -26.42
CA SER C 159 -8.74 8.44 -27.79
C SER C 159 -7.96 9.65 -28.34
N GLY C 160 -7.48 9.53 -29.58
CA GLY C 160 -6.74 10.60 -30.24
C GLY C 160 -7.57 11.84 -30.51
N PHE C 161 -8.90 11.71 -30.37
CA PHE C 161 -9.80 12.87 -30.43
C PHE C 161 -9.77 13.76 -29.18
N GLU C 162 -9.28 13.21 -28.06
CA GLU C 162 -9.19 13.96 -26.82
C GLU C 162 -7.74 14.22 -26.39
N ILE C 163 -6.88 13.21 -26.55
CA ILE C 163 -5.45 13.37 -26.28
C ILE C 163 -4.62 12.90 -27.46
N ASP C 164 -3.81 13.80 -28.00
CA ASP C 164 -2.81 13.45 -28.97
C ASP C 164 -1.47 13.38 -28.27
N LEU C 165 -0.55 12.63 -28.85
CA LEU C 165 0.79 12.49 -28.30
C LEU C 165 1.82 12.97 -29.31
N LYS C 166 2.97 13.39 -28.81
CA LYS C 166 4.11 13.66 -29.66
C LYS C 166 5.43 13.44 -28.90
N THR C 167 6.51 13.36 -29.66
CA THR C 167 7.87 13.35 -29.12
C THR C 167 8.64 14.55 -29.69
N ASP C 168 9.66 15.01 -28.98
CA ASP C 168 10.53 16.10 -29.45
C ASP C 168 11.70 15.55 -30.24
N THR C 169 12.00 14.27 -30.03
CA THR C 169 13.01 13.53 -30.78
C THR C 169 12.62 12.05 -30.73
N ASP C 170 13.02 11.29 -31.74
CA ASP C 170 12.70 9.86 -31.64
CA ASP C 170 12.76 9.85 -31.80
C ASP C 170 13.83 9.05 -31.03
N GLN C 171 14.89 9.74 -30.65
CA GLN C 171 15.97 9.08 -29.93
C GLN C 171 15.73 9.18 -28.42
N VAL C 172 15.70 8.02 -27.77
CA VAL C 172 15.60 7.95 -26.30
C VAL C 172 16.88 8.57 -25.72
N ASP C 173 16.75 9.42 -24.70
CA ASP C 173 17.90 9.98 -24.00
C ASP C 173 18.67 8.88 -23.25
N LEU C 174 19.92 8.64 -23.68
CA LEU C 174 20.75 7.62 -23.08
C LEU C 174 21.91 8.20 -22.28
N SER C 175 21.88 9.53 -22.07
CA SER C 175 23.00 10.21 -21.37
C SER C 175 23.07 9.92 -19.87
N SER C 176 22.01 9.32 -19.33
CA SER C 176 22.02 8.91 -17.93
C SER C 176 22.01 7.40 -17.79
N TYR C 177 22.25 6.68 -18.89
CA TYR C 177 22.26 5.23 -18.81
C TYR C 177 23.42 4.73 -17.94
N TYR C 178 23.11 3.82 -17.02
CA TYR C 178 24.06 3.36 -16.04
C TYR C 178 25.22 2.60 -16.70
N ALA C 179 26.43 3.16 -16.56
CA ALA C 179 27.64 2.65 -17.24
C ALA C 179 28.01 1.22 -16.90
N SER C 180 27.59 0.74 -15.74
CA SER C 180 27.92 -0.62 -15.29
C SER C 180 26.71 -1.54 -15.14
N SER C 181 25.66 -1.24 -15.91
CA SER C 181 24.50 -2.13 -16.03
C SER C 181 24.95 -3.50 -16.51
N LYS C 182 24.19 -4.53 -16.12
CA LYS C 182 24.37 -5.86 -16.68
C LYS C 182 24.14 -5.88 -18.19
N TYR C 183 23.37 -4.90 -18.70
CA TYR C 183 23.01 -4.82 -20.12
C TYR C 183 23.45 -3.51 -20.76
N GLU C 184 24.11 -3.61 -21.91
CA GLU C 184 24.43 -2.45 -22.76
C GLU C 184 23.31 -2.19 -23.76
N ILE C 185 23.08 -0.92 -24.06
CA ILE C 185 22.06 -0.52 -25.02
C ILE C 185 22.68 -0.39 -26.40
N LEU C 186 22.08 -1.08 -27.36
CA LEU C 186 22.51 -1.00 -28.76
C LEU C 186 21.74 0.08 -29.50
N SER C 187 20.49 0.28 -29.09
CA SER C 187 19.66 1.40 -29.61
C SER C 187 18.39 1.52 -28.79
N ALA C 188 17.86 2.73 -28.74
CA ALA C 188 16.60 2.97 -28.04
C ALA C 188 15.86 4.11 -28.73
N THR C 189 14.67 3.79 -29.26
CA THR C 189 13.85 4.76 -29.99
C THR C 189 12.48 4.93 -29.34
N GLN C 190 11.87 6.10 -29.59
CA GLN C 190 10.55 6.43 -29.06
C GLN C 190 9.77 7.05 -30.21
N THR C 191 8.73 6.36 -30.67
CA THR C 191 8.07 6.71 -31.93
C THR C 191 6.56 6.80 -31.76
N ARG C 192 5.99 7.94 -32.15
CA ARG C 192 4.54 8.14 -32.14
C ARG C 192 3.91 7.20 -33.18
N GLN C 193 2.85 6.52 -32.78
CA GLN C 193 2.10 5.66 -33.70
C GLN C 193 0.62 5.99 -33.67
N VAL C 194 -0.01 5.98 -34.84
CA VAL C 194 -1.46 6.16 -34.96
C VAL C 194 -2.06 4.86 -35.46
N GLN C 195 -3.10 4.40 -34.76
CA GLN C 195 -3.75 3.15 -35.08
C GLN C 195 -5.25 3.36 -35.24
N HIS C 196 -5.83 2.74 -36.27
CA HIS C 196 -7.28 2.71 -36.45
C HIS C 196 -7.76 1.27 -36.36
N TYR C 197 -8.75 1.03 -35.50
CA TYR C 197 -9.30 -0.31 -35.28
C TYR C 197 -10.65 -0.47 -35.97
N SER C 198 -10.99 -1.70 -36.34
CA SER C 198 -12.28 -2.02 -36.97
C SER C 198 -13.47 -1.71 -36.04
N CYS C 199 -13.26 -1.91 -34.74
CA CYS C 199 -14.27 -1.59 -33.72
C CYS C 199 -14.72 -0.13 -33.78
N CYS C 200 -13.77 0.76 -34.02
CA CYS C 200 -13.86 2.13 -33.56
C CYS C 200 -13.47 3.16 -34.64
N PRO C 201 -14.25 4.26 -34.77
CA PRO C 201 -13.95 5.32 -35.75
C PRO C 201 -12.81 6.27 -35.36
N GLU C 202 -12.52 6.36 -34.05
CA GLU C 202 -11.52 7.30 -33.53
C GLU C 202 -10.10 6.80 -33.78
N PRO C 203 -9.14 7.73 -33.97
CA PRO C 203 -7.75 7.30 -34.03
C PRO C 203 -7.23 7.04 -32.62
N TYR C 204 -6.34 6.07 -32.49
CA TYR C 204 -5.68 5.81 -31.21
C TYR C 204 -4.18 6.02 -31.34
N ILE C 205 -3.61 6.72 -30.37
CA ILE C 205 -2.23 7.20 -30.43
C ILE C 205 -1.42 6.56 -29.31
N ASP C 206 -0.18 6.18 -29.60
CA ASP C 206 0.76 5.73 -28.56
C ASP C 206 2.17 6.17 -28.92
N VAL C 207 3.07 6.05 -27.96
CA VAL C 207 4.49 6.21 -28.22
C VAL C 207 5.13 4.84 -27.97
N ASN C 208 5.76 4.30 -29.01
CA ASN C 208 6.36 2.98 -28.92
C ASN C 208 7.84 3.09 -28.52
N LEU C 209 8.18 2.51 -27.36
CA LEU C 209 9.56 2.51 -26.90
C LEU C 209 10.19 1.18 -27.34
N VAL C 210 11.21 1.25 -28.20
CA VAL C 210 11.86 0.04 -28.72
C VAL C 210 13.31 0.05 -28.27
N VAL C 211 13.69 -1.00 -27.55
CA VAL C 211 15.03 -1.11 -27.01
C VAL C 211 15.72 -2.37 -27.51
N LYS C 212 16.91 -2.17 -28.09
CA LYS C 212 17.80 -3.26 -28.47
CA LYS C 212 17.81 -3.25 -28.49
C LYS C 212 18.98 -3.28 -27.51
N PHE C 213 19.23 -4.45 -26.90
CA PHE C 213 20.20 -4.53 -25.80
C PHE C 213 20.86 -5.90 -25.76
N ARG C 214 22.00 -5.99 -25.08
CA ARG C 214 22.69 -7.27 -24.93
C ARG C 214 23.50 -7.28 -23.65
N GLU C 215 23.86 -8.47 -23.18
CA GLU C 215 24.66 -8.59 -21.97
C GLU C 215 25.97 -7.87 -22.18
N ARG C 216 26.42 -7.11 -21.18
CA ARG C 216 27.72 -6.46 -21.26
CA ARG C 216 27.72 -6.47 -21.26
C ARG C 216 28.80 -7.37 -20.68
N ASP D 1 -10.44 32.12 -32.59
CA ASP D 1 -10.57 33.65 -32.22
C ASP D 1 -11.30 33.72 -30.86
N TYR D 2 -11.69 34.95 -30.44
CA TYR D 2 -12.43 35.11 -29.15
C TYR D 2 -13.60 34.10 -29.07
N LYS D 3 -14.35 33.95 -30.17
CA LYS D 3 -15.45 32.96 -30.23
C LYS D 3 -15.00 31.51 -29.91
N ASP D 4 -13.91 31.08 -30.54
CA ASP D 4 -13.37 29.74 -30.31
C ASP D 4 -12.95 29.53 -28.86
N ASP D 5 -12.32 30.55 -28.30
CA ASP D 5 -11.90 30.56 -26.89
C ASP D 5 -13.11 30.38 -25.99
N ASP D 6 -14.18 31.11 -26.30
CA ASP D 6 -15.42 31.03 -25.53
C ASP D 6 -16.07 29.67 -25.63
N ASP D 7 -16.08 29.10 -26.84
CA ASP D 7 -16.62 27.75 -27.06
C ASP D 7 -15.95 26.71 -26.15
N LYS D 8 -14.63 26.80 -26.01
CA LYS D 8 -13.88 25.84 -25.17
C LYS D 8 -14.21 26.05 -23.69
N LEU D 9 -14.35 27.31 -23.28
CA LEU D 9 -14.71 27.65 -21.91
C LEU D 9 -16.12 27.15 -21.56
N HIS D 10 -17.06 27.37 -22.48
CA HIS D 10 -18.43 26.88 -22.36
C HIS D 10 -18.48 25.36 -22.20
N SER D 11 -17.69 24.66 -23.01
CA SER D 11 -17.67 23.19 -23.00
C SER D 11 -17.22 22.66 -21.64
N GLN D 12 -16.22 23.32 -21.06
CA GLN D 12 -15.73 22.95 -19.74
C GLN D 12 -16.80 23.17 -18.69
N ALA D 13 -17.47 24.34 -18.77
CA ALA D 13 -18.56 24.68 -17.87
C ALA D 13 -19.72 23.69 -17.98
N ASN D 14 -20.08 23.32 -19.21
CA ASN D 14 -21.14 22.33 -19.45
C ASN D 14 -20.80 20.98 -18.83
N LEU D 15 -19.53 20.60 -18.92
CA LEU D 15 -19.11 19.28 -18.40
C LEU D 15 -19.16 19.28 -16.86
N MET D 16 -18.66 20.35 -16.25
CA MET D 16 -18.69 20.48 -14.79
C MET D 16 -20.13 20.45 -14.25
N ARG D 17 -21.01 21.19 -14.92
CA ARG D 17 -22.44 21.25 -14.58
C ARG D 17 -23.10 19.86 -14.70
N LEU D 18 -22.80 19.16 -15.79
CA LEU D 18 -23.32 17.79 -15.98
C LEU D 18 -22.88 16.87 -14.86
N LYS D 19 -21.58 16.87 -14.56
CA LYS D 19 -21.04 16.01 -13.50
C LYS D 19 -21.64 16.41 -12.15
N SER D 20 -21.83 17.72 -11.94
CA SER D 20 -22.49 18.23 -10.75
C SER D 20 -23.95 17.78 -10.67
N ASP D 21 -24.71 18.00 -11.78
CA ASP D 21 -26.12 17.59 -11.83
C ASP D 21 -26.29 16.08 -11.55
N LEU D 22 -25.38 15.26 -12.08
CA LEU D 22 -25.43 13.79 -11.93
C LEU D 22 -24.95 13.23 -10.58
N PHE D 23 -23.86 13.78 -10.04
CA PHE D 23 -23.24 13.18 -8.85
C PHE D 23 -23.71 13.79 -7.54
N ASN D 24 -23.35 15.04 -7.29
CA ASN D 24 -23.61 15.67 -5.98
C ASN D 24 -25.00 16.31 -5.81
N ARG D 25 -25.81 16.28 -6.86
CA ARG D 25 -27.22 16.66 -6.74
C ARG D 25 -28.16 15.45 -6.86
N SER D 26 -27.59 14.26 -6.79
CA SER D 26 -28.36 13.01 -6.80
C SER D 26 -27.77 11.99 -5.83
N TYR D 29 -25.80 6.07 -6.34
CA TYR D 29 -26.55 4.86 -6.69
C TYR D 29 -26.25 3.78 -5.66
N PRO D 30 -27.30 3.27 -5.00
CA PRO D 30 -27.10 2.38 -3.84
C PRO D 30 -26.76 0.95 -4.25
N GLY D 31 -26.65 0.71 -5.55
CA GLY D 31 -26.41 -0.64 -6.07
C GLY D 31 -27.70 -1.32 -6.50
N PRO D 32 -27.58 -2.44 -7.25
CA PRO D 32 -28.74 -3.18 -7.72
C PRO D 32 -29.54 -3.83 -6.60
N THR D 33 -30.82 -4.09 -6.84
CA THR D 33 -31.67 -4.77 -5.86
C THR D 33 -32.50 -5.83 -6.57
N LYS D 34 -33.23 -6.64 -5.79
CA LYS D 34 -34.08 -7.67 -6.36
C LYS D 34 -35.15 -7.06 -7.25
N ASP D 35 -35.56 -5.84 -6.94
CA ASP D 35 -36.60 -5.12 -7.68
C ASP D 35 -36.02 -4.28 -8.82
N ASP D 36 -34.70 -4.11 -8.80
CA ASP D 36 -33.99 -3.34 -9.81
C ASP D 36 -32.65 -4.05 -10.15
N PRO D 37 -32.72 -5.28 -10.71
CA PRO D 37 -31.48 -6.02 -10.95
C PRO D 37 -30.66 -5.44 -12.09
N LEU D 38 -29.36 -5.67 -12.05
CA LEU D 38 -28.46 -5.11 -13.05
C LEU D 38 -27.75 -6.22 -13.78
N THR D 39 -27.69 -6.12 -15.10
CA THR D 39 -26.88 -7.05 -15.90
C THR D 39 -25.56 -6.39 -16.29
N VAL D 40 -24.47 -7.01 -15.85
CA VAL D 40 -23.11 -6.56 -16.18
C VAL D 40 -22.57 -7.45 -17.30
N THR D 41 -22.14 -6.83 -18.40
CA THR D 41 -21.51 -7.59 -19.48
C THR D 41 -20.02 -7.68 -19.18
N LEU D 42 -19.47 -8.89 -19.27
CA LEU D 42 -18.02 -9.08 -19.08
C LEU D 42 -17.38 -9.63 -20.34
N GLY D 43 -16.15 -9.18 -20.61
CA GLY D 43 -15.35 -9.77 -21.67
C GLY D 43 -13.90 -9.66 -21.30
N PHE D 44 -13.12 -10.67 -21.65
CA PHE D 44 -11.69 -10.66 -21.38
C PHE D 44 -10.86 -10.53 -22.63
N THR D 45 -9.78 -9.75 -22.50
CA THR D 45 -8.74 -9.64 -23.51
C THR D 45 -7.49 -10.19 -22.86
N LEU D 46 -7.10 -11.41 -23.24
CA LEU D 46 -5.95 -12.05 -22.59
C LEU D 46 -4.65 -11.60 -23.24
N GLN D 47 -3.80 -10.97 -22.44
CA GLN D 47 -2.55 -10.40 -22.95
C GLN D 47 -1.33 -11.31 -22.80
N ASP D 48 -1.26 -12.07 -21.70
CA ASP D 48 -0.07 -12.88 -21.46
C ASP D 48 -0.36 -13.88 -20.36
N ILE D 49 0.13 -15.11 -20.54
CA ILE D 49 0.37 -16.02 -19.42
C ILE D 49 1.83 -15.80 -19.04
N VAL D 50 2.04 -15.18 -17.89
CA VAL D 50 3.36 -14.71 -17.52
C VAL D 50 4.17 -15.86 -16.93
N LYS D 51 3.54 -16.60 -16.01
CA LYS D 51 4.26 -17.55 -15.18
C LYS D 51 3.35 -18.74 -14.90
N ALA D 52 3.92 -19.94 -14.96
CA ALA D 52 3.19 -21.14 -14.53
C ALA D 52 4.07 -21.81 -13.50
N ASP D 53 3.60 -21.89 -12.26
CA ASP D 53 4.43 -22.38 -11.17
C ASP D 53 3.98 -23.77 -10.75
N SER D 54 4.74 -24.79 -11.14
CA SER D 54 4.35 -26.17 -10.82
C SER D 54 4.67 -26.58 -9.37
N SER D 55 5.41 -25.75 -8.63
CA SER D 55 5.68 -26.05 -7.24
C SER D 55 4.50 -25.67 -6.34
N THR D 56 3.66 -24.75 -6.80
CA THR D 56 2.50 -24.28 -6.00
C THR D 56 1.17 -24.41 -6.71
N ASN D 57 1.21 -24.80 -8.00
CA ASN D 57 0.01 -24.83 -8.83
C ASN D 57 -0.71 -23.48 -8.83
N GLU D 58 0.07 -22.44 -9.17
CA GLU D 58 -0.44 -21.09 -9.37
C GLU D 58 0.02 -20.65 -10.75
N VAL D 59 -0.87 -20.02 -11.51
CA VAL D 59 -0.51 -19.47 -12.81
C VAL D 59 -0.89 -18.00 -12.79
N ASP D 60 -0.08 -17.19 -13.46
CA ASP D 60 -0.23 -15.72 -13.42
C ASP D 60 -0.63 -15.27 -14.82
N LEU D 61 -1.77 -14.58 -14.92
CA LEU D 61 -2.26 -14.02 -16.18
C LEU D 61 -2.25 -12.50 -16.14
N VAL D 62 -2.09 -11.89 -17.32
CA VAL D 62 -2.36 -10.47 -17.49
C VAL D 62 -3.42 -10.34 -18.57
N TYR D 63 -4.48 -9.60 -18.25
CA TYR D 63 -5.63 -9.46 -19.14
C TYR D 63 -6.28 -8.11 -18.90
N TYR D 64 -7.13 -7.70 -19.83
CA TYR D 64 -8.00 -6.56 -19.63
C TYR D 64 -9.39 -7.11 -19.47
N GLU D 65 -10.08 -6.67 -18.43
CA GLU D 65 -11.44 -7.12 -18.14
C GLU D 65 -12.43 -6.01 -18.45
N GLN D 66 -13.15 -6.15 -19.56
CA GLN D 66 -14.13 -5.15 -19.94
C GLN D 66 -15.41 -5.37 -19.18
N GLN D 67 -15.88 -4.32 -18.50
CA GLN D 67 -17.14 -4.36 -17.78
C GLN D 67 -18.06 -3.30 -18.36
N ARG D 68 -19.31 -3.68 -18.64
CA ARG D 68 -20.35 -2.73 -19.11
C ARG D 68 -21.66 -2.91 -18.36
N TRP D 69 -22.27 -1.78 -18.02
CA TRP D 69 -23.60 -1.79 -17.42
C TRP D 69 -24.27 -0.46 -17.73
N LYS D 70 -25.56 -0.35 -17.39
CA LYS D 70 -26.34 0.82 -17.79
C LYS D 70 -27.29 1.15 -16.67
N LEU D 71 -27.32 2.42 -16.29
CA LEU D 71 -28.16 2.90 -15.21
C LEU D 71 -28.99 4.05 -15.70
N ASN D 72 -30.28 4.03 -15.38
CA ASN D 72 -31.12 5.17 -15.70
C ASN D 72 -30.64 6.45 -15.01
N SER D 73 -30.08 6.30 -13.81
CA SER D 73 -29.59 7.43 -13.03
C SER D 73 -28.38 8.15 -13.67
N LEU D 74 -27.77 7.55 -14.68
CA LEU D 74 -26.66 8.19 -15.38
C LEU D 74 -27.01 8.74 -16.77
N MET D 75 -28.30 8.75 -17.11
CA MET D 75 -28.78 9.25 -18.39
C MET D 75 -28.86 10.78 -18.42
N TRP D 76 -28.52 11.37 -19.55
CA TRP D 76 -28.77 12.79 -19.75
C TRP D 76 -29.10 13.08 -21.20
N ASP D 77 -29.71 14.24 -21.44
CA ASP D 77 -30.00 14.71 -22.78
C ASP D 77 -28.83 15.57 -23.22
N PRO D 78 -28.08 15.13 -24.25
CA PRO D 78 -26.92 15.91 -24.71
C PRO D 78 -27.27 17.35 -25.09
N ASN D 79 -28.48 17.57 -25.63
CA ASN D 79 -28.94 18.90 -25.95
C ASN D 79 -28.96 19.87 -24.78
N GLU D 80 -29.14 19.34 -23.57
CA GLU D 80 -29.22 20.14 -22.35
C GLU D 80 -27.84 20.50 -21.79
N TYR D 81 -26.80 19.92 -22.39
CA TYR D 81 -25.43 20.07 -21.91
C TYR D 81 -24.43 20.28 -23.06
N GLY D 82 -24.78 21.12 -24.03
CA GLY D 82 -23.88 21.49 -25.12
C GLY D 82 -23.39 20.33 -25.98
N ASN D 83 -24.25 19.34 -26.17
CA ASN D 83 -23.98 18.18 -27.03
C ASN D 83 -22.91 17.23 -26.47
N ILE D 84 -22.68 17.28 -25.17
CA ILE D 84 -21.82 16.28 -24.51
C ILE D 84 -22.55 14.93 -24.57
N THR D 85 -21.86 13.93 -25.12
CA THR D 85 -22.44 12.60 -25.33
C THR D 85 -21.82 11.55 -24.40
N ASP D 86 -20.62 11.84 -23.92
CA ASP D 86 -19.96 10.99 -22.91
C ASP D 86 -18.91 11.78 -22.15
N PHE D 87 -18.46 11.24 -21.03
CA PHE D 87 -17.37 11.83 -20.29
C PHE D 87 -16.56 10.74 -19.58
N ARG D 88 -15.31 11.08 -19.29
CA ARG D 88 -14.40 10.25 -18.50
C ARG D 88 -14.47 10.69 -17.04
N THR D 89 -14.45 9.73 -16.13
CA THR D 89 -14.50 10.07 -14.72
C THR D 89 -13.81 9.00 -13.86
N SER D 90 -13.26 9.41 -12.73
CA SER D 90 -12.60 8.47 -11.80
C SER D 90 -13.60 7.39 -11.42
N ALA D 91 -13.16 6.13 -11.37
CA ALA D 91 -14.05 5.03 -10.97
C ALA D 91 -14.61 5.22 -9.55
N ALA D 92 -13.96 6.08 -8.75
CA ALA D 92 -14.44 6.39 -7.41
C ALA D 92 -15.68 7.28 -7.38
N ASP D 93 -15.96 7.98 -8.49
CA ASP D 93 -17.10 8.89 -8.58
C ASP D 93 -18.44 8.16 -8.77
N ILE D 94 -18.38 6.89 -9.16
CA ILE D 94 -19.58 6.15 -9.55
C ILE D 94 -19.60 4.77 -8.87
N TRP D 95 -20.77 4.16 -8.85
CA TRP D 95 -20.84 2.76 -8.42
C TRP D 95 -20.13 1.89 -9.47
N THR D 96 -19.37 0.89 -9.03
CA THR D 96 -18.82 -0.11 -9.96
C THR D 96 -19.08 -1.51 -9.38
N PRO D 97 -19.27 -2.53 -10.25
CA PRO D 97 -19.59 -3.87 -9.72
C PRO D 97 -18.41 -4.58 -9.06
N ASP D 98 -18.70 -5.41 -8.06
CA ASP D 98 -17.66 -6.07 -7.30
C ASP D 98 -17.24 -7.38 -7.94
N ILE D 99 -16.91 -7.32 -9.23
CA ILE D 99 -16.53 -8.51 -9.96
C ILE D 99 -15.17 -9.02 -9.43
N THR D 100 -15.15 -10.29 -9.04
CA THR D 100 -14.01 -10.86 -8.29
C THR D 100 -13.71 -12.24 -8.86
N ALA D 101 -12.42 -12.56 -9.00
CA ALA D 101 -11.98 -13.91 -9.30
C ALA D 101 -12.30 -14.82 -8.09
N TYR D 102 -12.88 -16.00 -8.31
CA TYR D 102 -13.25 -16.82 -7.17
C TYR D 102 -12.12 -17.70 -6.62
N SER D 103 -11.07 -17.89 -7.41
CA SER D 103 -9.97 -18.78 -7.04
C SER D 103 -8.58 -18.13 -7.17
N SER D 104 -8.50 -16.82 -6.91
CA SER D 104 -7.20 -16.17 -6.82
C SER D 104 -6.42 -16.67 -5.63
N THR D 105 -5.10 -16.56 -5.71
CA THR D 105 -4.24 -16.95 -4.60
C THR D 105 -3.45 -15.77 -4.03
N ARG D 106 -3.61 -14.61 -4.68
CA ARG D 106 -2.96 -13.36 -4.27
CA ARG D 106 -2.99 -13.37 -4.21
C ARG D 106 -3.90 -12.22 -4.62
N PRO D 107 -3.83 -11.07 -3.91
CA PRO D 107 -4.69 -9.98 -4.35
C PRO D 107 -4.38 -9.58 -5.80
N VAL D 108 -5.43 -9.30 -6.56
CA VAL D 108 -5.25 -8.86 -7.94
CA VAL D 108 -5.29 -8.82 -7.94
C VAL D 108 -4.44 -7.55 -7.94
N GLN D 109 -3.56 -7.42 -8.94
CA GLN D 109 -2.79 -6.18 -9.10
C GLN D 109 -3.30 -5.38 -10.28
N VAL D 110 -3.60 -4.11 -10.06
CA VAL D 110 -4.24 -3.30 -11.10
C VAL D 110 -3.14 -2.58 -11.86
N LEU D 111 -3.24 -2.67 -13.19
CA LEU D 111 -2.20 -2.19 -14.10
C LEU D 111 -2.61 -0.94 -14.88
N SER D 112 -3.86 -0.52 -14.72
CA SER D 112 -4.37 0.61 -15.50
C SER D 112 -5.04 1.62 -14.58
N PRO D 113 -5.17 2.88 -15.05
CA PRO D 113 -5.87 3.94 -14.31
C PRO D 113 -7.32 3.60 -13.96
N GLN D 114 -7.73 3.94 -12.74
CA GLN D 114 -9.12 3.69 -12.30
C GLN D 114 -10.04 4.79 -12.84
N ILE D 115 -10.29 4.76 -14.15
CA ILE D 115 -11.14 5.74 -14.83
C ILE D 115 -12.14 5.02 -15.73
N ALA D 116 -13.39 5.48 -15.72
CA ALA D 116 -14.44 4.86 -16.51
C ALA D 116 -14.99 5.86 -17.53
N VAL D 117 -15.72 5.37 -18.52
CA VAL D 117 -16.40 6.26 -19.49
C VAL D 117 -17.90 6.12 -19.30
N VAL D 118 -18.58 7.25 -19.08
CA VAL D 118 -20.05 7.26 -18.95
C VAL D 118 -20.63 7.91 -20.20
N THR D 119 -21.61 7.24 -20.80
CA THR D 119 -22.28 7.74 -22.01
C THR D 119 -23.71 8.21 -21.67
N HIS D 120 -24.26 9.10 -22.50
CA HIS D 120 -25.54 9.77 -22.24
C HIS D 120 -26.76 8.86 -22.09
N ASP D 121 -26.67 7.64 -22.61
CA ASP D 121 -27.75 6.67 -22.47
C ASP D 121 -27.70 5.99 -21.09
N GLY D 122 -26.73 6.37 -20.27
CA GLY D 122 -26.57 5.82 -18.93
C GLY D 122 -25.59 4.64 -18.87
N SER D 123 -25.01 4.29 -20.02
CA SER D 123 -24.07 3.17 -20.07
C SER D 123 -22.68 3.56 -19.56
N VAL D 124 -22.06 2.62 -18.87
CA VAL D 124 -20.73 2.81 -18.32
C VAL D 124 -19.85 1.71 -18.87
N MET D 125 -18.63 2.11 -19.25
CA MET D 125 -17.60 1.19 -19.70
CA MET D 125 -17.61 1.14 -19.66
C MET D 125 -16.37 1.34 -18.82
N PHE D 126 -15.91 0.25 -18.21
CA PHE D 126 -14.76 0.28 -17.31
C PHE D 126 -13.90 -0.92 -17.65
N ILE D 127 -12.61 -0.70 -17.89
CA ILE D 127 -11.73 -1.74 -18.43
C ILE D 127 -10.44 -1.85 -17.61
N PRO D 128 -10.55 -2.40 -16.40
CA PRO D 128 -9.34 -2.58 -15.59
C PRO D 128 -8.39 -3.64 -16.20
N ALA D 129 -7.12 -3.28 -16.36
CA ALA D 129 -6.08 -4.29 -16.65
C ALA D 129 -5.57 -4.86 -15.33
N GLN D 130 -5.39 -6.19 -15.31
CA GLN D 130 -5.03 -6.86 -14.06
C GLN D 130 -3.97 -7.92 -14.29
N ARG D 131 -3.11 -8.11 -13.28
CA ARG D 131 -2.31 -9.32 -13.17
C ARG D 131 -2.90 -10.17 -12.08
N LEU D 132 -3.22 -11.42 -12.41
CA LEU D 132 -3.91 -12.31 -11.47
C LEU D 132 -3.11 -13.59 -11.27
N SER D 133 -2.90 -14.01 -10.02
CA SER D 133 -2.41 -15.35 -9.72
C SER D 133 -3.62 -16.19 -9.30
N PHE D 134 -3.77 -17.37 -9.89
CA PHE D 134 -4.94 -18.20 -9.54
C PHE D 134 -4.57 -19.67 -9.55
N MET D 135 -5.46 -20.47 -8.95
CA MET D 135 -5.25 -21.91 -8.79
C MET D 135 -5.28 -22.64 -10.12
N CYS D 136 -4.15 -23.21 -10.49
CA CYS D 136 -4.01 -23.89 -11.79
C CYS D 136 -2.86 -24.86 -11.75
N ASP D 137 -3.13 -26.13 -12.11
CA ASP D 137 -2.10 -27.16 -12.19
C ASP D 137 -1.55 -27.18 -13.62
N PRO D 138 -0.32 -26.70 -13.84
CA PRO D 138 0.25 -26.64 -15.18
C PRO D 138 0.89 -27.94 -15.67
N THR D 139 0.64 -29.04 -14.97
CA THR D 139 1.16 -30.34 -15.44
C THR D 139 0.68 -30.56 -16.88
N GLY D 140 1.61 -30.85 -17.77
CA GLY D 140 1.26 -31.13 -19.16
C GLY D 140 1.44 -29.93 -20.06
N VAL D 141 1.86 -28.80 -19.47
CA VAL D 141 2.14 -27.59 -20.26
C VAL D 141 3.23 -27.84 -21.32
N ASP D 142 4.15 -28.74 -21.01
CA ASP D 142 5.22 -29.13 -21.92
C ASP D 142 4.78 -30.31 -22.79
N SER D 143 3.56 -30.23 -23.33
CA SER D 143 3.00 -31.28 -24.18
C SER D 143 2.20 -30.68 -25.33
N GLU D 144 1.90 -31.51 -26.33
CA GLU D 144 1.14 -31.04 -27.48
C GLU D 144 -0.22 -30.44 -27.13
N GLU D 145 -0.96 -31.10 -26.23
CA GLU D 145 -2.31 -30.66 -25.83
CA GLU D 145 -2.29 -30.62 -25.85
C GLU D 145 -2.24 -29.60 -24.71
N GLY D 146 -1.06 -29.40 -24.15
CA GLY D 146 -0.83 -28.41 -23.09
C GLY D 146 -1.56 -28.73 -21.79
N ALA D 147 -1.73 -27.70 -20.97
CA ALA D 147 -2.51 -27.78 -19.74
C ALA D 147 -3.79 -26.98 -19.90
N THR D 148 -4.79 -27.28 -19.09
CA THR D 148 -6.03 -26.51 -19.11
C THR D 148 -6.33 -26.06 -17.70
N CYS D 149 -6.63 -24.77 -17.55
CA CYS D 149 -7.05 -24.24 -16.26
C CYS D 149 -8.27 -23.36 -16.43
N ALA D 150 -8.92 -23.06 -15.31
CA ALA D 150 -10.14 -22.27 -15.33
C ALA D 150 -10.22 -21.42 -14.09
N VAL D 151 -10.91 -20.29 -14.20
CA VAL D 151 -11.13 -19.40 -13.07
C VAL D 151 -12.45 -18.71 -13.31
N LYS D 152 -13.29 -18.72 -12.29
CA LYS D 152 -14.62 -18.11 -12.36
C LYS D 152 -14.57 -16.66 -11.85
N PHE D 153 -15.29 -15.75 -12.52
CA PHE D 153 -15.40 -14.34 -12.10
C PHE D 153 -16.87 -14.02 -11.85
N GLY D 154 -17.15 -13.25 -10.81
CA GLY D 154 -18.52 -12.82 -10.60
C GLY D 154 -18.60 -11.92 -9.39
N SER D 155 -19.81 -11.46 -9.11
CA SER D 155 -19.98 -10.63 -7.93
C SER D 155 -19.62 -11.42 -6.67
N TRP D 156 -18.98 -10.76 -5.70
CA TRP D 156 -18.71 -11.44 -4.44
C TRP D 156 -19.96 -11.50 -3.56
N VAL D 157 -20.75 -10.41 -3.56
CA VAL D 157 -21.81 -10.26 -2.58
C VAL D 157 -23.25 -10.26 -3.14
N TYR D 158 -23.40 -10.06 -4.45
CA TYR D 158 -24.75 -10.04 -5.05
C TYR D 158 -25.07 -11.36 -5.73
N SER D 159 -26.25 -11.90 -5.41
CA SER D 159 -26.69 -13.14 -6.02
C SER D 159 -27.29 -12.84 -7.39
N GLY D 160 -27.70 -13.90 -8.07
CA GLY D 160 -28.45 -13.76 -9.29
C GLY D 160 -29.77 -12.99 -9.07
N PHE D 161 -30.15 -12.74 -7.82
CA PHE D 161 -31.34 -11.91 -7.56
C PHE D 161 -31.09 -10.44 -7.96
N GLU D 162 -29.85 -9.98 -7.74
CA GLU D 162 -29.48 -8.58 -7.91
C GLU D 162 -28.55 -8.30 -9.09
N ILE D 163 -27.56 -9.16 -9.31
CA ILE D 163 -26.63 -8.99 -10.42
C ILE D 163 -26.61 -10.22 -11.33
N ASP D 164 -26.91 -10.00 -12.61
CA ASP D 164 -26.77 -11.03 -13.62
C ASP D 164 -25.55 -10.67 -14.45
N LEU D 165 -25.02 -11.65 -15.16
CA LEU D 165 -23.89 -11.42 -16.03
C LEU D 165 -24.23 -11.87 -17.43
N LYS D 166 -23.53 -11.30 -18.40
CA LYS D 166 -23.60 -11.84 -19.74
C LYS D 166 -22.28 -11.60 -20.45
N THR D 167 -22.09 -12.34 -21.54
CA THR D 167 -20.97 -12.16 -22.42
C THR D 167 -21.55 -11.85 -23.81
N ASP D 168 -20.78 -11.11 -24.59
CA ASP D 168 -21.15 -10.79 -25.97
C ASP D 168 -20.73 -11.93 -26.88
N THR D 169 -19.68 -12.64 -26.47
CA THR D 169 -19.15 -13.78 -27.21
C THR D 169 -18.54 -14.73 -26.19
N ASP D 170 -18.48 -16.02 -26.49
CA ASP D 170 -17.77 -16.94 -25.60
C ASP D 170 -16.28 -17.06 -25.94
N GLN D 171 -15.83 -16.31 -26.94
CA GLN D 171 -14.43 -16.30 -27.33
C GLN D 171 -13.66 -15.17 -26.66
N VAL D 172 -12.68 -15.53 -25.84
CA VAL D 172 -11.78 -14.53 -25.24
C VAL D 172 -11.04 -13.81 -26.36
N ASP D 173 -10.87 -12.50 -26.23
CA ASP D 173 -10.14 -11.75 -27.25
C ASP D 173 -8.65 -12.03 -27.10
N LEU D 174 -8.06 -12.63 -28.14
CA LEU D 174 -6.64 -13.00 -28.15
C LEU D 174 -5.83 -12.15 -29.13
N SER D 175 -6.46 -11.12 -29.69
CA SER D 175 -5.79 -10.29 -30.71
C SER D 175 -4.63 -9.43 -30.18
N SER D 176 -4.54 -9.28 -28.86
CA SER D 176 -3.43 -8.60 -28.19
C SER D 176 -2.54 -9.55 -27.39
N TYR D 177 -2.73 -10.86 -27.59
CA TYR D 177 -1.91 -11.81 -26.84
C TYR D 177 -0.44 -11.65 -27.24
N TYR D 178 0.43 -11.60 -26.24
CA TYR D 178 1.87 -11.40 -26.49
C TYR D 178 2.49 -12.54 -27.32
N ALA D 179 2.93 -12.19 -28.54
CA ALA D 179 3.45 -13.18 -29.51
C ALA D 179 4.69 -13.93 -29.05
N SER D 180 5.46 -13.38 -28.11
CA SER D 180 6.68 -14.01 -27.63
C SER D 180 6.56 -14.43 -26.17
N SER D 181 5.33 -14.61 -25.70
CA SER D 181 5.09 -15.22 -24.40
C SER D 181 5.80 -16.56 -24.29
N LYS D 182 6.16 -16.92 -23.06
CA LYS D 182 6.63 -18.28 -22.79
C LYS D 182 5.59 -19.35 -23.13
N TYR D 183 4.30 -18.97 -23.10
CA TYR D 183 3.18 -19.88 -23.33
C TYR D 183 2.33 -19.46 -24.52
N GLU D 184 2.04 -20.41 -25.40
CA GLU D 184 1.13 -20.14 -26.52
C GLU D 184 -0.28 -20.60 -26.15
N ILE D 185 -1.28 -19.87 -26.61
CA ILE D 185 -2.67 -20.17 -26.29
C ILE D 185 -3.26 -21.10 -27.34
N LEU D 186 -3.82 -22.21 -26.87
CA LEU D 186 -4.45 -23.17 -27.76
C LEU D 186 -5.94 -22.86 -27.87
N SER D 187 -6.53 -22.44 -26.74
CA SER D 187 -7.90 -21.92 -26.72
C SER D 187 -8.16 -21.13 -25.47
N ALA D 188 -9.13 -20.22 -25.56
CA ALA D 188 -9.50 -19.40 -24.40
C ALA D 188 -10.95 -19.00 -24.55
N THR D 189 -11.77 -19.43 -23.60
CA THR D 189 -13.21 -19.21 -23.67
C THR D 189 -13.71 -18.54 -22.41
N GLN D 190 -14.86 -17.87 -22.51
CA GLN D 190 -15.47 -17.19 -21.38
C GLN D 190 -16.97 -17.52 -21.42
N THR D 191 -17.45 -18.20 -20.39
CA THR D 191 -18.79 -18.79 -20.46
C THR D 191 -19.58 -18.49 -19.20
N ARG D 192 -20.74 -17.84 -19.36
CA ARG D 192 -21.64 -17.60 -18.22
C ARG D 192 -22.16 -18.94 -17.67
N GLN D 193 -22.18 -19.03 -16.35
CA GLN D 193 -22.73 -20.19 -15.65
C GLN D 193 -23.70 -19.72 -14.57
N VAL D 194 -24.76 -20.50 -14.35
CA VAL D 194 -25.69 -20.28 -13.24
C VAL D 194 -25.60 -21.45 -12.29
N GLN D 195 -25.26 -21.18 -11.03
CA GLN D 195 -25.11 -22.21 -9.99
C GLN D 195 -26.29 -22.21 -9.00
N HIS D 196 -26.65 -23.39 -8.51
CA HIS D 196 -27.57 -23.51 -7.36
C HIS D 196 -26.87 -24.28 -6.26
N TYR D 197 -26.76 -23.66 -5.09
CA TYR D 197 -26.16 -24.30 -3.92
C TYR D 197 -27.26 -24.73 -2.95
N SER D 198 -27.05 -25.85 -2.26
CA SER D 198 -28.06 -26.40 -1.34
C SER D 198 -28.32 -25.55 -0.09
N CYS D 199 -27.34 -24.69 0.25
CA CYS D 199 -27.47 -23.73 1.36
C CYS D 199 -28.59 -22.72 1.15
N CYS D 200 -28.73 -22.28 -0.09
CA CYS D 200 -29.27 -20.96 -0.39
C CYS D 200 -30.30 -21.02 -1.53
N PRO D 201 -31.42 -20.28 -1.39
CA PRO D 201 -32.46 -20.26 -2.41
C PRO D 201 -32.10 -19.43 -3.65
N GLU D 202 -31.09 -18.56 -3.51
CA GLU D 202 -30.69 -17.65 -4.59
C GLU D 202 -29.84 -18.35 -5.64
N PRO D 203 -30.08 -18.07 -6.93
CA PRO D 203 -29.15 -18.56 -7.94
C PRO D 203 -27.86 -17.73 -7.91
N TYR D 204 -26.75 -18.34 -8.28
CA TYR D 204 -25.46 -17.65 -8.29
C TYR D 204 -24.83 -17.70 -9.69
N ILE D 205 -24.32 -16.56 -10.17
CA ILE D 205 -23.89 -16.37 -11.57
C ILE D 205 -22.41 -16.06 -11.66
N ASP D 206 -21.72 -16.68 -12.60
CA ASP D 206 -20.31 -16.34 -12.82
C ASP D 206 -19.98 -16.42 -14.30
N VAL D 207 -18.82 -15.89 -14.68
CA VAL D 207 -18.27 -16.13 -16.01
C VAL D 207 -17.00 -16.96 -15.82
N ASN D 208 -16.97 -18.13 -16.46
CA ASN D 208 -15.85 -19.07 -16.32
C ASN D 208 -14.85 -18.85 -17.45
N LEU D 209 -13.63 -18.44 -17.09
CA LEU D 209 -12.56 -18.23 -18.06
C LEU D 209 -11.75 -19.52 -18.11
N VAL D 210 -11.75 -20.18 -19.27
CA VAL D 210 -11.02 -21.44 -19.43
C VAL D 210 -9.91 -21.25 -20.45
N VAL D 211 -8.68 -21.54 -20.04
CA VAL D 211 -7.54 -21.35 -20.93
C VAL D 211 -6.76 -22.66 -21.09
N LYS D 212 -6.54 -23.04 -22.34
CA LYS D 212 -5.71 -24.19 -22.71
C LYS D 212 -4.42 -23.63 -23.31
N PHE D 213 -3.27 -24.01 -22.76
CA PHE D 213 -2.01 -23.37 -23.13
C PHE D 213 -0.84 -24.34 -23.06
N ARG D 214 0.24 -24.06 -23.77
CA ARG D 214 1.42 -24.94 -23.73
C ARG D 214 2.68 -24.10 -23.89
N GLU D 215 3.82 -24.65 -23.49
CA GLU D 215 5.10 -23.96 -23.63
C GLU D 215 5.37 -23.79 -25.12
N ARG D 216 5.81 -22.59 -25.50
CA ARG D 216 6.02 -22.33 -26.92
CA ARG D 216 6.09 -22.24 -26.89
C ARG D 216 7.31 -22.98 -27.44
N ASP E 4 -44.15 2.81 -14.50
CA ASP E 4 -43.21 1.79 -15.04
C ASP E 4 -41.86 1.84 -14.30
N ASP E 5 -41.02 2.81 -14.66
CA ASP E 5 -39.72 3.02 -14.02
C ASP E 5 -39.84 3.79 -12.70
N ASP E 6 -41.04 4.30 -12.44
CA ASP E 6 -41.36 4.94 -11.16
C ASP E 6 -41.25 3.95 -9.99
N ASP E 7 -41.59 2.69 -10.26
CA ASP E 7 -41.44 1.60 -9.31
C ASP E 7 -39.97 1.46 -8.89
N LYS E 8 -39.09 1.40 -9.88
CA LYS E 8 -37.65 1.28 -9.66
C LYS E 8 -37.07 2.53 -9.01
N LEU E 9 -37.59 3.70 -9.40
CA LEU E 9 -37.22 4.99 -8.80
C LEU E 9 -37.62 5.01 -7.32
N HIS E 10 -38.73 4.36 -6.99
CA HIS E 10 -39.23 4.26 -5.61
C HIS E 10 -38.37 3.33 -4.75
N SER E 11 -38.00 2.16 -5.30
CA SER E 11 -37.20 1.18 -4.58
C SER E 11 -35.81 1.70 -4.25
N GLN E 12 -35.21 2.44 -5.18
CA GLN E 12 -33.94 3.12 -4.94
C GLN E 12 -34.08 4.14 -3.81
N ALA E 13 -35.13 4.96 -3.88
CA ALA E 13 -35.41 5.95 -2.85
C ALA E 13 -35.65 5.31 -1.49
N ASN E 14 -36.36 4.18 -1.48
CA ASN E 14 -36.58 3.41 -0.26
C ASN E 14 -35.27 2.88 0.35
N LEU E 15 -34.37 2.39 -0.51
CA LEU E 15 -33.07 1.88 -0.05
C LEU E 15 -32.17 3.00 0.43
N MET E 16 -32.10 4.09 -0.33
CA MET E 16 -31.34 5.27 0.09
C MET E 16 -31.85 5.80 1.45
N ARG E 17 -33.18 5.76 1.64
CA ARG E 17 -33.83 6.22 2.88
C ARG E 17 -33.47 5.32 4.05
N LEU E 18 -33.51 4.01 3.82
CA LEU E 18 -33.12 3.03 4.84
C LEU E 18 -31.67 3.22 5.27
N LYS E 19 -30.74 3.25 4.31
CA LYS E 19 -29.31 3.43 4.60
C LYS E 19 -29.04 4.73 5.34
N SER E 20 -29.80 5.76 4.99
CA SER E 20 -29.74 7.06 5.67
C SER E 20 -30.21 6.98 7.13
N ASP E 21 -31.30 6.25 7.37
CA ASP E 21 -31.88 6.14 8.72
C ASP E 21 -31.04 5.26 9.65
N LEU E 22 -30.40 4.23 9.09
CA LEU E 22 -29.60 3.31 9.88
C LEU E 22 -28.24 3.90 10.24
N PHE E 23 -27.61 4.58 9.29
CA PHE E 23 -26.27 5.14 9.49
C PHE E 23 -26.32 6.60 9.94
N ASN E 24 -27.19 6.87 10.91
CA ASN E 24 -27.31 8.18 11.55
C ASN E 24 -27.75 8.06 13.00
N TYR E 29 -22.82 2.98 16.68
CA TYR E 29 -22.45 1.79 17.46
C TYR E 29 -20.95 1.72 17.74
N PRO E 30 -20.59 1.76 19.03
CA PRO E 30 -19.21 1.82 19.50
C PRO E 30 -18.54 0.46 19.68
N GLY E 31 -19.11 -0.59 19.11
CA GLY E 31 -18.59 -1.95 19.32
C GLY E 31 -19.21 -2.56 20.57
N PRO E 32 -19.01 -3.87 20.78
CA PRO E 32 -19.61 -4.59 21.91
C PRO E 32 -18.95 -4.22 23.23
N THR E 33 -19.68 -4.46 24.33
CA THR E 33 -19.16 -4.21 25.65
C THR E 33 -19.70 -5.31 26.55
N LYS E 34 -19.24 -5.33 27.80
CA LYS E 34 -19.76 -6.30 28.77
C LYS E 34 -21.26 -6.10 28.98
N ASP E 35 -21.71 -4.84 28.87
CA ASP E 35 -23.13 -4.52 29.01
C ASP E 35 -23.97 -4.78 27.75
N ASP E 36 -23.31 -4.85 26.59
CA ASP E 36 -23.96 -5.00 25.29
C ASP E 36 -23.08 -5.96 24.47
N PRO E 37 -23.03 -7.23 24.89
CA PRO E 37 -22.13 -8.18 24.23
C PRO E 37 -22.70 -8.74 22.94
N LEU E 38 -21.82 -9.34 22.13
CA LEU E 38 -22.17 -9.77 20.82
C LEU E 38 -21.68 -11.21 20.62
N THR E 39 -22.33 -11.95 19.73
CA THR E 39 -21.84 -13.25 19.30
C THR E 39 -21.44 -13.20 17.84
N VAL E 40 -20.22 -13.66 17.55
CA VAL E 40 -19.77 -13.81 16.17
C VAL E 40 -19.69 -15.29 15.86
N THR E 41 -20.39 -15.70 14.82
CA THR E 41 -20.31 -17.07 14.32
C THR E 41 -19.28 -17.09 13.20
N LEU E 42 -18.35 -18.04 13.27
CA LEU E 42 -17.26 -18.17 12.31
CA LEU E 42 -17.28 -18.17 12.27
C LEU E 42 -17.37 -19.51 11.57
N GLY E 43 -16.99 -19.52 10.31
CA GLY E 43 -16.99 -20.75 9.54
C GLY E 43 -15.93 -20.59 8.47
N PHE E 44 -15.20 -21.66 8.19
CA PHE E 44 -14.21 -21.65 7.12
C PHE E 44 -14.59 -22.50 5.93
N THR E 45 -14.31 -21.96 4.75
CA THR E 45 -14.39 -22.70 3.50
C THR E 45 -12.96 -22.76 2.99
N LEU E 46 -12.32 -23.92 3.15
CA LEU E 46 -10.91 -24.01 2.80
C LEU E 46 -10.76 -24.29 1.31
N GLN E 47 -10.07 -23.38 0.60
CA GLN E 47 -9.93 -23.52 -0.85
CA GLN E 47 -9.95 -23.51 -0.84
C GLN E 47 -8.66 -24.16 -1.30
N ASP E 48 -7.54 -23.86 -0.62
CA ASP E 48 -6.25 -24.36 -1.12
C ASP E 48 -5.18 -24.28 -0.04
N ILE E 49 -4.35 -25.31 0.03
CA ILE E 49 -3.03 -25.20 0.66
C ILE E 49 -2.07 -24.91 -0.49
N VAL E 50 -1.61 -23.67 -0.58
CA VAL E 50 -0.84 -23.23 -1.74
C VAL E 50 0.62 -23.66 -1.65
N LYS E 51 1.20 -23.50 -0.46
CA LYS E 51 2.63 -23.64 -0.30
C LYS E 51 2.88 -24.17 1.11
N ALA E 52 3.83 -25.10 1.23
CA ALA E 52 4.33 -25.49 2.53
C ALA E 52 5.85 -25.32 2.49
N ASP E 53 6.39 -24.51 3.41
CA ASP E 53 7.81 -24.16 3.38
C ASP E 53 8.52 -24.81 4.58
N SER E 54 9.24 -25.90 4.31
CA SER E 54 9.93 -26.60 5.38
C SER E 54 11.21 -25.89 5.84
N SER E 55 11.66 -24.87 5.11
CA SER E 55 12.85 -24.13 5.53
C SER E 55 12.52 -23.10 6.62
N THR E 56 11.25 -22.68 6.70
CA THR E 56 10.83 -21.70 7.70
C THR E 56 9.66 -22.15 8.56
N ASN E 57 9.11 -23.33 8.23
CA ASN E 57 7.92 -23.83 8.90
C ASN E 57 6.78 -22.82 8.85
N GLU E 58 6.48 -22.40 7.62
CA GLU E 58 5.31 -21.57 7.31
C GLU E 58 4.50 -22.30 6.26
N VAL E 59 3.18 -22.28 6.42
CA VAL E 59 2.30 -22.84 5.40
C VAL E 59 1.30 -21.77 4.99
N ASP E 60 0.92 -21.77 3.70
CA ASP E 60 0.04 -20.74 3.13
C ASP E 60 -1.29 -21.36 2.77
N LEU E 61 -2.35 -20.81 3.38
CA LEU E 61 -3.73 -21.25 3.11
C LEU E 61 -4.50 -20.18 2.35
N VAL E 62 -5.43 -20.61 1.50
CA VAL E 62 -6.43 -19.70 0.92
C VAL E 62 -7.81 -20.22 1.35
N TYR E 63 -8.63 -19.33 1.94
CA TYR E 63 -9.96 -19.74 2.42
C TYR E 63 -10.90 -18.54 2.38
N TYR E 64 -12.19 -18.84 2.51
CA TYR E 64 -13.24 -17.85 2.77
C TYR E 64 -13.58 -17.97 4.26
N GLU E 65 -13.54 -16.84 4.97
CA GLU E 65 -13.89 -16.83 6.40
C GLU E 65 -15.26 -16.19 6.58
N GLN E 66 -16.28 -16.99 6.88
CA GLN E 66 -17.61 -16.47 7.07
C GLN E 66 -17.73 -15.89 8.49
N GLN E 67 -18.18 -14.65 8.58
CA GLN E 67 -18.41 -13.99 9.87
C GLN E 67 -19.85 -13.51 9.91
N ARG E 68 -20.53 -13.82 11.01
CA ARG E 68 -21.91 -13.41 11.18
CA ARG E 68 -21.92 -13.40 11.17
C ARG E 68 -22.14 -12.92 12.59
N TRP E 69 -22.84 -11.79 12.73
CA TRP E 69 -23.27 -11.27 14.03
C TRP E 69 -24.57 -10.51 13.82
N LYS E 70 -25.20 -10.09 14.92
CA LYS E 70 -26.49 -9.40 14.84
C LYS E 70 -26.51 -8.23 15.81
N LEU E 71 -26.98 -7.08 15.32
CA LEU E 71 -27.11 -5.89 16.13
C LEU E 71 -28.56 -5.41 16.16
N ASN E 72 -29.07 -5.15 17.37
CA ASN E 72 -30.38 -4.50 17.52
C ASN E 72 -30.47 -3.22 16.73
N SER E 73 -29.34 -2.49 16.66
CA SER E 73 -29.27 -1.20 15.98
C SER E 73 -29.40 -1.27 14.45
N LEU E 74 -29.30 -2.49 13.89
CA LEU E 74 -29.44 -2.69 12.45
C LEU E 74 -30.78 -3.34 12.04
N MET E 75 -31.70 -3.46 12.99
CA MET E 75 -33.04 -4.01 12.71
C MET E 75 -33.95 -2.97 12.06
N TRP E 76 -34.79 -3.42 11.12
CA TRP E 76 -35.87 -2.57 10.57
C TRP E 76 -37.07 -3.42 10.16
N ASP E 77 -38.24 -2.78 10.10
CA ASP E 77 -39.43 -3.40 9.53
C ASP E 77 -39.44 -3.15 8.02
N PRO E 78 -39.36 -4.22 7.22
CA PRO E 78 -39.42 -4.12 5.75
C PRO E 78 -40.65 -3.34 5.25
N ASN E 79 -41.80 -3.52 5.92
CA ASN E 79 -43.04 -2.83 5.53
C ASN E 79 -42.94 -1.30 5.57
N GLU E 80 -42.01 -0.79 6.38
CA GLU E 80 -41.74 0.64 6.47
C GLU E 80 -40.85 1.16 5.33
N TYR E 81 -40.16 0.25 4.65
CA TYR E 81 -39.24 0.65 3.60
C TYR E 81 -39.46 -0.14 2.31
N GLY E 82 -40.72 -0.21 1.87
CA GLY E 82 -41.09 -0.88 0.62
C GLY E 82 -40.63 -2.33 0.51
N ASN E 83 -40.69 -3.05 1.62
CA ASN E 83 -40.37 -4.48 1.69
C ASN E 83 -38.92 -4.85 1.35
N ILE E 84 -38.03 -3.89 1.56
CA ILE E 84 -36.59 -4.17 1.53
C ILE E 84 -36.27 -5.03 2.74
N THR E 85 -35.66 -6.19 2.50
CA THR E 85 -35.34 -7.14 3.57
C THR E 85 -33.83 -7.26 3.82
N ASP E 86 -33.03 -6.79 2.86
CA ASP E 86 -31.58 -6.83 3.00
C ASP E 86 -30.94 -5.78 2.09
N PHE E 87 -29.69 -5.43 2.41
CA PHE E 87 -28.90 -4.59 1.52
C PHE E 87 -27.41 -4.91 1.65
N ARG E 88 -26.65 -4.49 0.65
CA ARG E 88 -25.20 -4.63 0.62
C ARG E 88 -24.58 -3.29 0.97
N THR E 89 -23.51 -3.32 1.76
CA THR E 89 -22.83 -2.09 2.16
C THR E 89 -21.34 -2.30 2.39
N SER E 90 -20.55 -1.27 2.07
CA SER E 90 -19.12 -1.29 2.35
C SER E 90 -18.88 -1.65 3.82
N ALA E 91 -17.94 -2.56 4.06
CA ALA E 91 -17.58 -2.96 5.44
C ALA E 91 -17.04 -1.76 6.24
N ALA E 92 -16.56 -0.74 5.54
CA ALA E 92 -16.22 0.55 6.17
C ALA E 92 -17.43 1.31 6.71
N ASP E 93 -18.63 1.03 6.20
CA ASP E 93 -19.84 1.72 6.65
C ASP E 93 -20.33 1.24 8.01
N ILE E 94 -19.82 0.08 8.46
CA ILE E 94 -20.31 -0.57 9.67
C ILE E 94 -19.18 -1.01 10.58
N TRP E 95 -19.52 -1.33 11.83
CA TRP E 95 -18.56 -1.98 12.71
C TRP E 95 -18.34 -3.42 12.23
N THR E 96 -17.10 -3.89 12.23
CA THR E 96 -16.80 -5.33 11.99
C THR E 96 -15.88 -5.90 13.06
N PRO E 97 -15.99 -7.21 13.36
CA PRO E 97 -15.18 -7.78 14.43
C PRO E 97 -13.71 -7.91 14.08
N ASP E 98 -12.87 -7.76 15.10
CA ASP E 98 -11.42 -7.83 14.93
C ASP E 98 -10.86 -9.27 14.98
N ILE E 99 -11.48 -10.18 14.21
CA ILE E 99 -11.07 -11.59 14.22
C ILE E 99 -9.72 -11.72 13.53
N THR E 100 -8.78 -12.30 14.25
CA THR E 100 -7.38 -12.32 13.87
C THR E 100 -6.82 -13.73 14.05
N ALA E 101 -5.95 -14.15 13.12
CA ALA E 101 -5.21 -15.38 13.35
C ALA E 101 -4.14 -15.11 14.39
N TYR E 102 -3.95 -16.04 15.32
CA TYR E 102 -3.05 -15.79 16.45
C TYR E 102 -1.60 -16.20 16.18
N SER E 103 -1.36 -16.92 15.09
CA SER E 103 -0.03 -17.40 14.77
C SER E 103 0.30 -17.19 13.29
N SER E 104 -0.22 -16.09 12.73
CA SER E 104 0.22 -15.70 11.37
C SER E 104 1.69 -15.27 11.40
N THR E 105 2.35 -15.29 10.23
CA THR E 105 3.75 -14.87 10.15
C THR E 105 3.90 -13.72 9.16
N ARG E 106 2.81 -13.38 8.47
CA ARG E 106 2.78 -12.24 7.56
CA ARG E 106 2.74 -12.28 7.49
C ARG E 106 1.37 -11.65 7.62
N PRO E 107 1.22 -10.35 7.27
CA PRO E 107 -0.15 -9.81 7.29
C PRO E 107 -1.04 -10.59 6.33
N VAL E 108 -2.29 -10.83 6.73
CA VAL E 108 -3.25 -11.51 5.84
C VAL E 108 -3.41 -10.69 4.57
N GLN E 109 -3.57 -11.37 3.44
CA GLN E 109 -3.85 -10.68 2.19
C GLN E 109 -5.31 -10.93 1.82
N VAL E 110 -6.01 -9.84 1.54
CA VAL E 110 -7.44 -9.90 1.30
C VAL E 110 -7.69 -10.08 -0.19
N LEU E 111 -8.52 -11.08 -0.51
CA LEU E 111 -8.74 -11.50 -1.90
C LEU E 111 -10.14 -11.15 -2.41
N SER E 112 -10.99 -10.60 -1.55
CA SER E 112 -12.35 -10.25 -1.92
C SER E 112 -12.70 -8.80 -1.54
N PRO E 113 -13.73 -8.22 -2.17
CA PRO E 113 -14.21 -6.87 -1.83
C PRO E 113 -14.69 -6.73 -0.39
N GLN E 114 -14.41 -5.58 0.21
CA GLN E 114 -14.80 -5.35 1.61
CA GLN E 114 -14.79 -5.33 1.60
C GLN E 114 -16.24 -4.84 1.66
N ILE E 115 -17.17 -5.77 1.45
CA ILE E 115 -18.61 -5.47 1.39
C ILE E 115 -19.36 -6.54 2.18
N ALA E 116 -20.34 -6.10 2.96
CA ALA E 116 -21.15 -6.98 3.82
C ALA E 116 -22.63 -6.94 3.41
N VAL E 117 -23.39 -7.91 3.89
CA VAL E 117 -24.84 -7.95 3.64
C VAL E 117 -25.52 -7.77 4.99
N VAL E 118 -26.43 -6.80 5.07
CA VAL E 118 -27.18 -6.53 6.30
C VAL E 118 -28.62 -6.93 6.01
N THR E 119 -29.21 -7.71 6.92
CA THR E 119 -30.59 -8.20 6.78
C THR E 119 -31.48 -7.51 7.82
N HIS E 120 -32.78 -7.41 7.55
CA HIS E 120 -33.70 -6.62 8.39
C HIS E 120 -33.78 -7.03 9.87
N ASP E 121 -33.40 -8.27 10.18
CA ASP E 121 -33.37 -8.77 11.57
C ASP E 121 -32.14 -8.27 12.35
N GLY E 122 -31.33 -7.45 11.68
CA GLY E 122 -30.15 -6.87 12.29
C GLY E 122 -28.92 -7.72 12.08
N SER E 123 -29.04 -8.79 11.29
CA SER E 123 -27.90 -9.67 11.10
C SER E 123 -27.01 -9.16 9.99
N VAL E 124 -25.70 -9.36 10.16
CA VAL E 124 -24.71 -8.97 9.16
C VAL E 124 -23.91 -10.21 8.81
N MET E 125 -23.69 -10.41 7.51
CA MET E 125 -22.81 -11.46 7.04
CA MET E 125 -22.85 -11.48 6.99
C MET E 125 -21.69 -10.85 6.24
N PHE E 126 -20.46 -11.20 6.61
CA PHE E 126 -19.27 -10.65 5.97
C PHE E 126 -18.33 -11.82 5.72
N ILE E 127 -17.89 -11.99 4.48
CA ILE E 127 -17.15 -13.20 4.11
C ILE E 127 -15.84 -12.84 3.42
N PRO E 128 -14.84 -12.38 4.19
CA PRO E 128 -13.55 -12.07 3.54
C PRO E 128 -12.80 -13.35 3.07
N ALA E 129 -12.40 -13.36 1.79
CA ALA E 129 -11.47 -14.39 1.29
C ALA E 129 -10.05 -13.92 1.64
N GLN E 130 -9.22 -14.83 2.14
CA GLN E 130 -7.89 -14.46 2.66
C GLN E 130 -6.84 -15.46 2.21
N ARG E 131 -5.61 -14.97 2.00
CA ARG E 131 -4.43 -15.83 1.98
C ARG E 131 -3.64 -15.57 3.26
N LEU E 132 -3.40 -16.64 4.00
CA LEU E 132 -2.76 -16.56 5.31
C LEU E 132 -1.47 -17.41 5.31
N SER E 133 -0.34 -16.84 5.74
CA SER E 133 0.86 -17.62 6.06
C SER E 133 0.85 -17.79 7.57
N PHE E 134 1.00 -19.03 8.04
CA PHE E 134 1.00 -19.27 9.48
C PHE E 134 2.01 -20.32 9.87
N MET E 135 2.26 -20.36 11.17
CA MET E 135 3.27 -21.27 11.74
C MET E 135 2.83 -22.73 11.64
N CYS E 136 3.58 -23.50 10.88
CA CYS E 136 3.22 -24.89 10.61
C CYS E 136 4.44 -25.67 10.16
N ASP E 137 4.66 -26.83 10.79
CA ASP E 137 5.77 -27.72 10.44
C ASP E 137 5.19 -28.81 9.55
N PRO E 138 5.54 -28.80 8.25
CA PRO E 138 4.99 -29.76 7.29
C PRO E 138 5.63 -31.15 7.29
N THR E 139 6.53 -31.42 8.24
CA THR E 139 7.16 -32.74 8.36
C THR E 139 6.08 -33.84 8.40
N GLY E 140 6.27 -34.85 7.53
CA GLY E 140 5.32 -35.94 7.42
C GLY E 140 4.33 -35.79 6.28
N VAL E 141 4.33 -34.63 5.63
CA VAL E 141 3.39 -34.38 4.54
C VAL E 141 3.50 -35.40 3.39
N ASP E 142 4.68 -36.00 3.23
CA ASP E 142 4.95 -36.98 2.16
C ASP E 142 4.84 -38.42 2.66
N SER E 143 3.98 -38.62 3.64
CA SER E 143 3.73 -39.94 4.22
C SER E 143 2.22 -40.16 4.24
N GLU E 144 1.79 -41.42 4.37
CA GLU E 144 0.36 -41.72 4.41
C GLU E 144 -0.40 -40.93 5.47
N GLU E 145 0.23 -40.75 6.64
CA GLU E 145 -0.39 -40.07 7.78
C GLU E 145 -0.45 -38.55 7.59
N GLY E 146 0.39 -38.03 6.71
CA GLY E 146 0.40 -36.58 6.42
C GLY E 146 0.91 -35.74 7.57
N ALA E 147 0.73 -34.42 7.45
CA ALA E 147 1.15 -33.47 8.47
C ALA E 147 -0.08 -32.87 9.11
N THR E 148 0.05 -32.38 10.33
CA THR E 148 -1.06 -31.72 11.03
C THR E 148 -0.58 -30.37 11.51
N CYS E 149 -1.36 -29.33 11.19
CA CYS E 149 -1.09 -28.01 11.75
C CYS E 149 -2.37 -27.37 12.22
N ALA E 150 -2.22 -26.29 12.98
CA ALA E 150 -3.36 -25.67 13.61
C ALA E 150 -3.10 -24.19 13.78
N VAL E 151 -4.17 -23.41 13.71
CA VAL E 151 -4.09 -21.99 13.95
C VAL E 151 -5.39 -21.55 14.60
N LYS E 152 -5.25 -20.75 15.66
CA LYS E 152 -6.40 -20.24 16.41
C LYS E 152 -6.78 -18.89 15.85
N PHE E 153 -8.09 -18.64 15.79
CA PHE E 153 -8.66 -17.34 15.38
C PHE E 153 -9.51 -16.78 16.51
N GLY E 154 -9.42 -15.48 16.73
CA GLY E 154 -10.28 -14.87 17.76
C GLY E 154 -10.09 -13.38 17.77
N SER E 155 -10.88 -12.71 18.60
CA SER E 155 -10.73 -11.29 18.76
C SER E 155 -9.33 -10.96 19.31
N TRP E 156 -8.76 -9.85 18.86
CA TRP E 156 -7.47 -9.41 19.43
C TRP E 156 -7.68 -8.72 20.79
N VAL E 157 -8.75 -7.94 20.93
CA VAL E 157 -8.88 -7.03 22.09
C VAL E 157 -10.11 -7.27 22.98
N TYR E 158 -11.05 -8.09 22.51
CA TYR E 158 -12.27 -8.34 23.28
C TYR E 158 -12.24 -9.73 23.90
N SER E 159 -12.54 -9.81 25.20
CA SER E 159 -12.68 -11.10 25.88
C SER E 159 -14.04 -11.73 25.60
N GLY E 160 -14.24 -12.91 26.16
CA GLY E 160 -15.51 -13.63 26.03
C GLY E 160 -16.67 -12.94 26.72
N PHE E 161 -16.38 -11.94 27.55
CA PHE E 161 -17.43 -11.10 28.16
C PHE E 161 -18.01 -10.08 27.17
N GLU E 162 -17.27 -9.78 26.09
CA GLU E 162 -17.72 -8.83 25.07
C GLU E 162 -18.12 -9.48 23.74
N ILE E 163 -17.29 -10.44 23.31
CA ILE E 163 -17.56 -11.18 22.09
C ILE E 163 -17.48 -12.66 22.39
N ASP E 164 -18.60 -13.35 22.23
CA ASP E 164 -18.55 -14.80 22.21
C ASP E 164 -18.33 -15.23 20.77
N LEU E 165 -17.63 -16.35 20.59
CA LEU E 165 -17.48 -16.97 19.29
C LEU E 165 -18.26 -18.26 19.22
N LYS E 166 -18.70 -18.62 18.03
CA LYS E 166 -19.21 -19.97 17.84
C LYS E 166 -19.12 -20.44 16.41
N THR E 167 -19.34 -21.72 16.24
CA THR E 167 -19.37 -22.32 14.92
C THR E 167 -20.70 -23.03 14.83
N ASP E 168 -21.27 -23.09 13.63
CA ASP E 168 -22.46 -23.87 13.37
C ASP E 168 -22.14 -25.37 13.25
N THR E 169 -20.93 -25.67 12.78
CA THR E 169 -20.45 -27.04 12.66
C THR E 169 -18.94 -27.04 12.96
N ASP E 170 -18.40 -28.15 13.45
CA ASP E 170 -16.94 -28.24 13.63
CA ASP E 170 -16.95 -28.23 13.64
C ASP E 170 -16.24 -28.78 12.39
N GLN E 171 -17.00 -29.02 11.34
CA GLN E 171 -16.46 -29.53 10.07
C GLN E 171 -16.22 -28.35 9.12
N VAL E 172 -14.96 -28.12 8.77
CA VAL E 172 -14.60 -27.09 7.78
C VAL E 172 -15.28 -27.46 6.46
N ASP E 173 -15.76 -26.46 5.72
CA ASP E 173 -16.39 -26.73 4.43
C ASP E 173 -15.29 -26.98 3.38
N LEU E 174 -15.25 -28.21 2.87
CA LEU E 174 -14.23 -28.61 1.89
C LEU E 174 -14.81 -28.76 0.48
N SER E 175 -16.07 -28.37 0.32
CA SER E 175 -16.77 -28.60 -0.95
C SER E 175 -16.23 -27.72 -2.08
N SER E 176 -15.45 -26.69 -1.74
CA SER E 176 -14.77 -25.82 -2.72
C SER E 176 -13.25 -26.00 -2.71
N TYR E 177 -12.77 -27.06 -2.06
CA TYR E 177 -11.32 -27.28 -2.01
C TYR E 177 -10.80 -27.60 -3.40
N TYR E 178 -9.71 -26.92 -3.80
CA TYR E 178 -9.13 -27.05 -5.14
C TYR E 178 -8.68 -28.49 -5.44
N ALA E 179 -9.34 -29.11 -6.42
CA ALA E 179 -9.17 -30.53 -6.71
C ALA E 179 -7.75 -30.90 -7.18
N SER E 180 -7.02 -29.92 -7.70
CA SER E 180 -5.69 -30.17 -8.24
C SER E 180 -4.62 -29.46 -7.42
N SER E 181 -4.95 -29.18 -6.16
CA SER E 181 -3.97 -28.64 -5.22
C SER E 181 -2.77 -29.58 -5.14
N LYS E 182 -1.60 -29.02 -4.84
CA LYS E 182 -0.44 -29.83 -4.47
C LYS E 182 -0.65 -30.70 -3.22
N TYR E 183 -1.60 -30.30 -2.37
CA TYR E 183 -1.88 -30.98 -1.10
C TYR E 183 -3.33 -31.42 -1.02
N GLU E 184 -3.53 -32.67 -0.62
CA GLU E 184 -4.88 -33.17 -0.38
C GLU E 184 -5.19 -33.03 1.10
N ILE E 185 -6.46 -32.76 1.42
CA ILE E 185 -6.90 -32.62 2.80
C ILE E 185 -7.39 -33.96 3.33
N LEU E 186 -6.82 -34.37 4.45
CA LEU E 186 -7.26 -35.58 5.13
C LEU E 186 -8.38 -35.28 6.12
N SER E 187 -8.28 -34.15 6.82
CA SER E 187 -9.38 -33.65 7.65
C SER E 187 -9.15 -32.16 7.91
N ALA E 188 -10.23 -31.47 8.21
CA ALA E 188 -10.16 -30.06 8.55
C ALA E 188 -11.32 -29.77 9.49
N THR E 189 -10.97 -29.35 10.71
CA THR E 189 -11.97 -29.06 11.72
C THR E 189 -11.82 -27.62 12.23
N GLN E 190 -12.93 -27.05 12.71
CA GLN E 190 -12.94 -25.71 13.26
C GLN E 190 -13.66 -25.80 14.61
N THR E 191 -12.94 -25.66 15.71
CA THR E 191 -13.52 -26.02 17.00
C THR E 191 -13.41 -24.86 17.99
N ARG E 192 -14.55 -24.48 18.58
CA ARG E 192 -14.54 -23.46 19.59
C ARG E 192 -13.77 -23.97 20.81
N GLN E 193 -12.88 -23.11 21.31
CA GLN E 193 -12.15 -23.38 22.55
C GLN E 193 -12.36 -22.24 23.56
N VAL E 194 -12.52 -22.60 24.83
CA VAL E 194 -12.55 -21.61 25.90
C VAL E 194 -11.31 -21.77 26.78
N GLN E 195 -10.61 -20.66 27.00
CA GLN E 195 -9.40 -20.65 27.79
C GLN E 195 -9.65 -19.85 29.08
N HIS E 196 -9.25 -20.43 30.21
CA HIS E 196 -9.31 -19.74 31.50
C HIS E 196 -7.89 -19.57 32.07
N TYR E 197 -7.60 -18.40 32.64
CA TYR E 197 -6.31 -18.14 33.29
C TYR E 197 -6.47 -17.73 34.77
N SER E 198 -5.52 -18.12 35.61
CA SER E 198 -5.61 -17.90 37.06
C SER E 198 -5.60 -16.43 37.47
N CYS E 199 -4.87 -15.60 36.71
CA CYS E 199 -4.78 -14.16 36.96
C CYS E 199 -6.12 -13.46 36.82
N CYS E 200 -6.89 -13.94 35.85
CA CYS E 200 -7.85 -13.12 35.16
C CYS E 200 -9.23 -13.80 35.12
N PRO E 201 -10.28 -13.08 35.57
CA PRO E 201 -11.62 -13.65 35.63
C PRO E 201 -12.21 -14.00 34.25
N GLU E 202 -11.88 -13.20 33.24
CA GLU E 202 -12.56 -13.27 31.94
C GLU E 202 -12.15 -14.49 31.10
N PRO E 203 -13.15 -15.22 30.56
CA PRO E 203 -12.86 -16.31 29.64
C PRO E 203 -12.38 -15.77 28.31
N TYR E 204 -11.48 -16.51 27.67
CA TYR E 204 -11.03 -16.15 26.33
C TYR E 204 -11.47 -17.22 25.34
N ILE E 205 -11.97 -16.79 24.19
CA ILE E 205 -12.58 -17.72 23.24
C ILE E 205 -11.81 -17.67 21.94
N ASP E 206 -11.58 -18.83 21.33
CA ASP E 206 -11.03 -18.85 19.98
C ASP E 206 -11.70 -19.97 19.18
N VAL E 207 -11.47 -19.95 17.87
CA VAL E 207 -11.83 -21.09 17.03
C VAL E 207 -10.54 -21.65 16.49
N ASN E 208 -10.26 -22.92 16.79
CA ASN E 208 -9.04 -23.59 16.41
C ASN E 208 -9.25 -24.33 15.08
N LEU E 209 -8.53 -23.88 14.05
CA LEU E 209 -8.58 -24.53 12.74
C LEU E 209 -7.47 -25.55 12.67
N VAL E 210 -7.84 -26.82 12.49
CA VAL E 210 -6.86 -27.92 12.47
C VAL E 210 -6.94 -28.59 11.12
N VAL E 211 -5.82 -28.64 10.39
CA VAL E 211 -5.80 -29.18 9.05
C VAL E 211 -4.78 -30.30 9.00
N LYS E 212 -5.22 -31.48 8.55
CA LYS E 212 -4.34 -32.62 8.31
C LYS E 212 -4.28 -32.79 6.81
N PHE E 213 -3.06 -32.86 6.27
CA PHE E 213 -2.89 -32.76 4.83
C PHE E 213 -1.69 -33.55 4.38
N ARG E 214 -1.68 -33.92 3.11
CA ARG E 214 -0.54 -34.70 2.59
C ARG E 214 -0.32 -34.40 1.11
N GLU E 215 0.86 -34.74 0.61
CA GLU E 215 1.16 -34.49 -0.79
C GLU E 215 0.22 -35.34 -1.63
N ARG E 216 -0.33 -34.76 -2.70
CA ARG E 216 -1.16 -35.52 -3.62
CA ARG E 216 -1.16 -35.53 -3.60
C ARG E 216 -0.28 -36.24 -4.64
C1 NAG F . 9.14 42.81 -13.20
C2 NAG F . 9.97 43.93 -12.56
C3 NAG F . 9.78 45.24 -13.35
C4 NAG F . 10.04 45.00 -14.83
C5 NAG F . 9.30 43.78 -15.38
C6 NAG F . 9.70 43.47 -16.83
C7 NAG F . 8.35 44.32 -10.65
C8 NAG F . 8.33 44.51 -9.16
N2 NAG F . 9.59 44.14 -11.16
O3 NAG F . 10.67 46.24 -12.83
O4 NAG F . 9.72 46.17 -15.58
O5 NAG F . 9.56 42.63 -14.56
O6 NAG F . 11.13 43.33 -16.95
O7 NAG F . 7.33 44.32 -11.31
C1 NAG F . 10.87 46.73 -16.21
C2 NAG F . 10.46 47.62 -17.37
C3 NAG F . 11.68 48.31 -17.98
C4 NAG F . 12.58 48.93 -16.91
C5 NAG F . 12.86 47.97 -15.76
C6 NAG F . 13.68 48.59 -14.62
C7 NAG F . 8.71 46.62 -18.75
C8 NAG F . 8.40 45.65 -19.85
N2 NAG F . 10.00 46.70 -18.40
O3 NAG F . 11.22 49.30 -18.91
O4 NAG F . 13.84 49.27 -17.48
O5 NAG F . 11.62 47.49 -15.24
O6 NAG F . 12.96 49.67 -14.01
O7 NAG F . 7.85 47.30 -18.22
C1 BMA F . 13.92 50.66 -17.73
C2 BMA F . 15.36 51.12 -17.52
C3 BMA F . 15.55 52.58 -17.96
C4 BMA F . 14.95 52.84 -19.34
C5 BMA F . 13.52 52.30 -19.42
C6 BMA F . 12.82 52.49 -20.76
O2 BMA F . 16.25 50.27 -18.26
O3 BMA F . 16.94 52.86 -17.96
O4 BMA F . 14.98 54.25 -19.63
O5 BMA F . 13.52 50.91 -19.08
O6 BMA F . 11.50 51.95 -20.63
C1 MAN F . 17.34 53.74 -16.90
C2 MAN F . 18.75 54.27 -17.18
C3 MAN F . 19.81 53.20 -16.83
C4 MAN F . 19.61 52.68 -15.42
C5 MAN F . 18.20 52.11 -15.27
C6 MAN F . 17.93 51.64 -13.84
O2 MAN F . 18.96 55.46 -16.42
O3 MAN F . 21.13 53.74 -16.96
O4 MAN F . 20.59 51.69 -15.13
O5 MAN F . 17.22 53.11 -15.61
O6 MAN F . 16.65 51.00 -13.77
C1 MAN F . 10.64 52.17 -21.74
C2 MAN F . 9.17 51.96 -21.30
C3 MAN F . 8.84 50.49 -21.07
C4 MAN F . 9.29 49.61 -22.23
C5 MAN F . 10.76 49.89 -22.58
C6 MAN F . 11.22 49.09 -23.79
O2 MAN F . 8.29 52.52 -22.30
O3 MAN F . 7.42 50.32 -20.87
O4 MAN F . 9.10 48.24 -21.89
O5 MAN F . 10.96 51.30 -22.83
O6 MAN F . 10.72 49.70 -25.00
C1 COC G . 15.44 11.79 15.19
O5 COC G . 16.15 10.59 14.89
C6 COC G . 16.98 9.98 15.89
O7 COC G . 17.13 10.57 16.97
C8 COC G . 17.66 8.68 15.54
C10 COC G . 17.07 7.52 16.36
N12 COC G . 17.54 7.62 17.72
C14 COC G . 16.64 7.47 18.86
C18 COC G . 17.83 6.21 16.12
C21 COC G . 19.06 6.21 17.04
C24 COC G . 18.98 7.51 17.87
C26 COC G . 19.64 8.71 17.17
C29 COC G . 19.19 8.83 15.71
O1 COC G . 19.49 10.12 15.23
C2 COC G . 20.65 10.16 14.38
O3 COC G . 21.23 9.13 14.08
C4 COC G . 21.12 11.52 13.98
C5 COC G . 22.16 11.68 13.06
C7 COC G . 22.57 12.96 12.75
C9 COC G . 21.97 14.08 13.33
C11 COC G . 20.95 13.92 14.26
C13 COC G . 20.52 12.63 14.58
C1 NAG H . 10.64 32.29 30.66
C2 NAG H . 9.42 32.97 31.33
C3 NAG H . 9.75 34.40 31.78
C4 NAG H . 11.03 34.42 32.62
C5 NAG H . 12.19 33.70 31.91
C6 NAG H . 13.45 33.58 32.77
C7 NAG H . 6.96 32.65 30.76
C8 NAG H . 5.99 32.97 29.59
N2 NAG H . 8.44 33.12 30.23
O3 NAG H . 8.65 34.93 32.57
O4 NAG H . 11.39 35.79 32.86
O5 NAG H . 11.78 32.37 31.54
O6 NAG H . 13.54 35.00 33.50
O7 NAG H . 6.76 31.64 31.70
O1 PG4 I . 17.56 19.61 -16.05
C1 PG4 I . 18.46 18.54 -15.54
C2 PG4 I . 18.87 18.88 -14.12
O2 PG4 I . 18.18 18.03 -13.20
C3 PG4 I . 19.15 17.20 -12.38
C4 PG4 I . 18.25 16.59 -11.22
O3 PG4 I . 17.79 15.24 -11.58
C5 PG4 I . 16.23 15.21 -11.48
C6 PG4 I . 15.71 14.59 -12.79
O4 PG4 I . 14.26 14.73 -12.89
C7 PG4 I . 13.83 15.91 -13.61
C8 PG4 I . 13.18 16.90 -12.63
O5 PG4 I . 11.76 17.14 -12.92
O2 PG4 J . -7.34 1.34 -28.65
C3 PG4 J . -5.94 1.39 -28.13
C4 PG4 J . -5.95 2.06 -26.75
O3 PG4 J . -5.68 0.97 -25.74
C5 PG4 J . -6.24 1.44 -24.48
C6 PG4 J . -6.58 0.23 -23.61
O4 PG4 J . -7.96 -0.13 -23.79
C7 PG4 J . -8.22 -1.44 -23.21
C8 PG4 J . -9.38 -2.07 -23.99
O5 PG4 J . -9.04 -3.44 -24.36
C1 COC K . -20.25 -13.01 0.24
O5 COC K . -19.48 -14.14 -0.21
C6 COC K . -19.96 -15.07 -1.22
O7 COC K . -21.16 -15.05 -1.52
C8 COC K . -19.00 -16.06 -1.85
C10 COC K . -18.79 -15.81 -3.35
N12 COC K . -19.97 -16.35 -3.99
C14 COC K . -20.99 -15.52 -4.60
C18 COC K . -17.79 -16.78 -3.98
C21 COC K . -18.56 -18.04 -4.39
C24 COC K . -20.02 -17.80 -4.01
C26 COC K . -20.30 -18.20 -2.56
C29 COC K . -19.40 -17.50 -1.53
O1 COC K . -20.04 -17.47 -0.26
C2 COC K . -19.65 -18.56 0.60
O3 COC K . -18.76 -19.32 0.27
C4 COC K . -20.39 -18.72 1.90
C5 COC K . -19.78 -19.32 3.01
C7 COC K . -20.50 -19.45 4.20
C9 COC K . -21.80 -18.99 4.28
C11 COC K . -22.42 -18.39 3.18
C13 COC K . -21.71 -18.25 1.99
O1 PG4 L . -4.49 -12.78 29.44
C1 PG4 L . -4.13 -13.56 28.29
C2 PG4 L . -4.84 -13.00 27.05
O2 PG4 L . -5.69 -13.99 26.47
C3 PG4 L . -5.34 -14.42 25.16
C4 PG4 L . -6.05 -13.62 24.06
O3 PG4 L . -5.19 -13.48 22.91
C5 PG4 L . -5.33 -12.22 22.28
C6 PG4 L . -3.96 -11.70 21.87
O4 PG4 L . -3.55 -10.66 22.75
C7 PG4 L . -2.15 -10.45 22.73
C8 PG4 L . -1.64 -10.27 24.17
O5 PG4 L . -0.99 -11.47 24.60
#